data_7JIS
#
_entry.id   7JIS
#
_cell.length_a   90.453
_cell.length_b   108.255
_cell.length_c   142.340
_cell.angle_alpha   90.000
_cell.angle_beta   90.000
_cell.angle_gamma   90.000
#
_symmetry.space_group_name_H-M   'P 21 21 21'
#
loop_
_entity.id
_entity.type
_entity.pdbx_description
1 polymer 'Phosphatidylinositol 4,5-bisphosphate 3-kinase catalytic subunit delta isoform'
2 polymer 'Phosphatidylinositol 3-kinase regulatory subunit alpha'
3 non-polymer (3S)-3-benzyl-5-[9-ethyl-8-(2-methylpyrimidin-5-yl)-9H-purin-6-yl]-3-methyl-1,3-dihydro-2H-indol-2-one
4 water water
#
loop_
_entity_poly.entity_id
_entity_poly.type
_entity_poly.pdbx_seq_one_letter_code
_entity_poly.pdbx_strand_id
1 'polypeptide(L)'
;NQSVVVDFLLPTGVYLNFPVSRNANLSTIKQLLWHRAQYEPLFHMLSGPEAYVFTCINQTAEQQELEDEQRRLCDVQPFL
PVLRLVAREGDRVKKLINSQISLLIGKGLHEFDSLCDPEVNDFRAKMCQFCEEAAARRQQLGWEAWLQYSFPLQLEPSAQ
TWGPGTLRLPNRALLVNVKFEGSEESFTFQVSTKDVPLALMACALRKKATVFRQPLVEQPEDYTLQVNGRHEYLYGSYPL
CQFQYICSCLHSGLTPHLTMVHSSSILAMRDEQSNPAPQVQKPRAKPPPIPAKKPSSVSLWSLEQPFRIELIQGSKVNAD
ERMKLVVQAGLFHGNEMLCKTVSSSEVSVCSEPVWKQRLEFDINICDLPRMARLCFALYAVIEKAKKARSTKKKSKKADC
PIAWANLMLFDYKDQLKTGERCLYMWPSVPDEKGELLNPTGTVRSNPNTDSAAALLICLPEVAPHPVYYPALEKILELGR
HSECVHVTEEEQLQLREILERRGSGELYEHEKDLVWKLRHEVQEHFPEALARLLLVTKWNKHEDVAQMLYLLCSWPELPV
LSALELLDFSFPDCHVGSFAIKSLRKLTDDELFQYLLQLVQVLKYESYLDCELTKFLLDRALANRKIGHFLFWHLRSEMH
VPSVALRFGLILEAYCRGSTHHMKVLMKQGEALSKLKALNDFVKLSSQKTPKPQTKELMHLCMRQEAYLEALSHLQSPLD
PSTLLAEVCVEQCTFMDSKMKPLWIMYSNEEAGSGGSVGIIFKNGDDLRQDMLTLQMIQLMDVLWKQEGLDLRMTPYGCL
PTGDRTGLIEVVLRSDTIANIQLNKSNMAATAAFNKDALLNWLKSKNPGEALDRAIEEFTLSCAGYCVATYVLGIGDRHS
DNIMIRESGQLFHIDFGHFLGNFKTKFGINRERVPFILTYDFVHVIQQGKTNNSEKFERFRGYCERAYTILRRHGLLFLH
LFALMRAAGLPELSCSKDIQYLKDSLALGKTEEEALKHFRVKFNEALRESWKTKVNWL
;
A
2 'polypeptide(L)'
;YQQDQVVKEDNIEAVGKKLHEYNTQFQEKSREYDRLYEDYTRTSQEIQMKRTAIEAFNETIKIFEEQCQTQERYSKEYIE
KFKREGNETEIQRIMHNYEKLKSRISEIVDSRRRLEEDLKKQAAEYREIDKRMNSIKPDLIQLRKTRDQYLMWLTQKGVR
QKKLNEWLG
;
B
#
# COMPACT_ATOMS: atom_id res chain seq x y z
N ASN A 1 7.24 -16.11 -32.77
CA ASN A 1 7.59 -15.13 -33.83
C ASN A 1 7.10 -13.72 -33.51
N GLN A 2 7.47 -12.77 -34.36
CA GLN A 2 6.96 -11.40 -34.26
C GLN A 2 5.47 -11.35 -34.62
N SER A 3 5.13 -11.84 -35.82
CA SER A 3 3.78 -11.65 -36.41
C SER A 3 2.62 -12.29 -35.62
N VAL A 4 1.47 -11.61 -35.66
CA VAL A 4 0.19 -12.09 -35.09
C VAL A 4 -0.98 -11.77 -36.02
N VAL A 5 -1.85 -12.76 -36.24
CA VAL A 5 -3.02 -12.59 -37.11
C VAL A 5 -4.07 -11.79 -36.35
N VAL A 6 -4.54 -10.69 -36.97
CA VAL A 6 -5.52 -9.80 -36.37
C VAL A 6 -6.84 -9.76 -37.16
N ASP A 7 -7.95 -9.84 -36.42
CA ASP A 7 -9.30 -9.69 -36.95
C ASP A 7 -9.66 -8.23 -37.00
N PHE A 8 -10.07 -7.78 -38.20
CA PHE A 8 -10.57 -6.42 -38.41
C PHE A 8 -12.07 -6.42 -38.74
N LEU A 9 -12.85 -5.71 -37.93
CA LEU A 9 -14.30 -5.55 -38.12
C LEU A 9 -14.53 -4.17 -38.65
N LEU A 10 -14.88 -4.05 -39.94
CA LEU A 10 -15.15 -2.76 -40.57
C LEU A 10 -16.62 -2.37 -40.30
N PRO A 11 -16.91 -1.05 -40.30
CA PRO A 11 -18.24 -0.55 -39.94
C PRO A 11 -19.35 -0.84 -40.96
N THR A 12 -18.95 -1.28 -42.17
CA THR A 12 -19.86 -1.86 -43.14
C THR A 12 -20.26 -3.30 -42.83
N GLY A 13 -19.66 -3.92 -41.82
CA GLY A 13 -19.95 -5.32 -41.45
C GLY A 13 -18.98 -6.31 -42.07
N VAL A 14 -18.12 -5.82 -42.96
CA VAL A 14 -17.07 -6.60 -43.58
C VAL A 14 -15.96 -6.93 -42.56
N TYR A 15 -15.37 -8.10 -42.74
CA TYR A 15 -14.42 -8.69 -41.84
C TYR A 15 -13.16 -9.06 -42.64
N LEU A 16 -12.00 -8.64 -42.14
CA LEU A 16 -10.69 -9.06 -42.67
C LEU A 16 -9.81 -9.64 -41.54
N ASN A 17 -8.91 -10.52 -41.94
CA ASN A 17 -8.08 -11.29 -41.05
C ASN A 17 -6.70 -11.38 -41.70
N PHE A 18 -5.67 -10.73 -41.14
CA PHE A 18 -4.31 -10.85 -41.67
C PHE A 18 -3.19 -10.64 -40.63
N PRO A 19 -1.95 -11.10 -40.93
CA PRO A 19 -0.87 -10.98 -39.95
C PRO A 19 -0.23 -9.61 -39.95
N VAL A 20 -0.05 -9.05 -38.75
CA VAL A 20 0.73 -7.83 -38.54
C VAL A 20 1.84 -8.11 -37.55
N SER A 21 2.82 -7.22 -37.51
CA SER A 21 3.91 -7.31 -36.52
C SER A 21 3.38 -6.85 -35.17
N ARG A 22 3.74 -7.59 -34.11
CA ARG A 22 3.40 -7.22 -32.72
C ARG A 22 3.97 -5.87 -32.30
N ASN A 23 5.10 -5.49 -32.91
CA ASN A 23 5.73 -4.18 -32.75
C ASN A 23 5.08 -3.00 -33.46
N ALA A 24 4.21 -3.28 -34.43
CA ALA A 24 3.69 -2.23 -35.30
C ALA A 24 2.79 -1.35 -34.46
N ASN A 25 2.89 -0.03 -34.63
CA ASN A 25 1.93 0.89 -34.00
C ASN A 25 0.59 0.88 -34.75
N LEU A 26 -0.46 1.34 -34.06
CA LEU A 26 -1.82 1.26 -34.61
C LEU A 26 -1.99 2.05 -35.90
N SER A 27 -1.25 3.15 -36.03
CA SER A 27 -1.21 3.97 -37.24
C SER A 27 -0.68 3.21 -38.46
N THR A 28 0.35 2.41 -38.25
CA THR A 28 0.89 1.51 -39.28
C THR A 28 -0.10 0.38 -39.61
N ILE A 29 -0.71 -0.20 -38.56
CA ILE A 29 -1.72 -1.23 -38.72
C ILE A 29 -2.95 -0.70 -39.49
N LYS A 30 -3.35 0.53 -39.21
CA LYS A 30 -4.47 1.15 -39.91
C LYS A 30 -4.16 1.34 -41.40
N GLN A 31 -2.94 1.79 -41.73
CA GLN A 31 -2.49 1.86 -43.14
C GLN A 31 -2.54 0.51 -43.87
N LEU A 32 -2.05 -0.54 -43.21
CA LEU A 32 -2.07 -1.88 -43.82
C LEU A 32 -3.51 -2.39 -43.99
N LEU A 33 -4.39 -2.03 -43.05
CA LEU A 33 -5.80 -2.39 -43.12
C LEU A 33 -6.42 -1.73 -44.35
N TRP A 34 -6.16 -0.44 -44.50
CA TRP A 34 -6.73 0.32 -45.61
C TRP A 34 -6.28 -0.18 -46.91
N HIS A 35 -5.00 -0.49 -47.02
CA HIS A 35 -4.45 -1.07 -48.23
C HIS A 35 -5.07 -2.41 -48.59
N ARG A 36 -5.53 -3.18 -47.60
CA ARG A 36 -6.18 -4.47 -47.83
C ARG A 36 -7.71 -4.35 -48.02
N ALA A 37 -8.34 -3.44 -47.29
CA ALA A 37 -9.78 -3.21 -47.38
C ALA A 37 -10.23 -2.79 -48.79
N GLN A 38 -9.37 -2.12 -49.55
CA GLN A 38 -9.71 -1.72 -50.93
C GLN A 38 -9.96 -2.89 -51.89
N TYR A 39 -9.48 -4.09 -51.53
CA TYR A 39 -9.70 -5.29 -52.33
C TYR A 39 -10.77 -6.17 -51.71
N GLU A 40 -11.64 -5.55 -50.92
CA GLU A 40 -12.74 -6.23 -50.24
C GLU A 40 -14.05 -5.46 -50.51
N PRO A 41 -15.20 -6.13 -50.41
CA PRO A 41 -16.49 -5.48 -50.69
C PRO A 41 -16.77 -4.23 -49.87
N LEU A 42 -17.48 -3.28 -50.48
CA LEU A 42 -18.05 -2.12 -49.79
C LEU A 42 -17.00 -1.12 -49.26
N PHE A 43 -15.79 -1.16 -49.79
CA PHE A 43 -14.77 -0.15 -49.49
C PHE A 43 -15.22 1.30 -49.73
N HIS A 44 -15.94 1.49 -50.84
CA HIS A 44 -16.31 2.84 -51.36
C HIS A 44 -17.11 3.66 -50.38
N MET A 45 -17.83 2.97 -49.51
CA MET A 45 -18.63 3.59 -48.44
C MET A 45 -17.87 4.05 -47.16
N LEU A 46 -16.62 3.61 -46.99
CA LEU A 46 -15.82 4.00 -45.82
C LEU A 46 -15.37 5.45 -45.98
N SER A 47 -15.34 6.20 -44.89
CA SER A 47 -14.65 7.49 -44.89
C SER A 47 -13.13 7.23 -44.87
N GLY A 48 -12.32 8.28 -44.79
CA GLY A 48 -10.87 8.10 -44.67
C GLY A 48 -10.45 7.45 -43.34
N PRO A 49 -9.19 6.95 -43.27
CA PRO A 49 -8.66 6.28 -42.07
C PRO A 49 -8.77 7.14 -40.82
N GLU A 50 -8.54 8.44 -40.97
CA GLU A 50 -8.57 9.39 -39.86
C GLU A 50 -9.97 9.65 -39.26
N ALA A 51 -11.03 9.23 -39.93
CA ALA A 51 -12.41 9.39 -39.41
C ALA A 51 -12.76 8.31 -38.39
N TYR A 52 -11.98 7.23 -38.36
CA TYR A 52 -12.21 6.09 -37.46
C TYR A 52 -11.16 5.94 -36.38
N VAL A 53 -11.56 5.32 -35.26
CA VAL A 53 -10.62 4.90 -34.20
C VAL A 53 -10.83 3.41 -33.96
N PHE A 54 -9.73 2.70 -33.78
CA PHE A 54 -9.74 1.29 -33.41
C PHE A 54 -10.28 1.15 -32.00
N THR A 55 -11.02 0.07 -31.78
CA THR A 55 -11.55 -0.33 -30.50
C THR A 55 -11.10 -1.78 -30.28
N CYS A 56 -10.72 -2.10 -29.02
CA CYS A 56 -10.38 -3.49 -28.65
C CYS A 56 -11.01 -3.83 -27.33
N ILE A 57 -10.97 -5.11 -26.97
CA ILE A 57 -11.22 -5.53 -25.59
C ILE A 57 -9.85 -5.61 -24.92
N ASN A 58 -9.67 -4.92 -23.79
CA ASN A 58 -8.36 -4.93 -23.11
C ASN A 58 -8.28 -5.97 -21.99
N GLN A 59 -7.14 -6.04 -21.28
CA GLN A 59 -6.89 -7.10 -20.28
C GLN A 59 -7.85 -7.08 -19.10
N THR A 60 -8.39 -5.92 -18.79
CA THR A 60 -9.41 -5.78 -17.76
C THR A 60 -10.84 -6.07 -18.25
N ALA A 61 -10.99 -6.62 -19.46
CA ALA A 61 -12.31 -6.99 -20.05
C ALA A 61 -13.23 -5.81 -20.42
N GLU A 62 -12.65 -4.62 -20.56
CA GLU A 62 -13.38 -3.44 -21.02
C GLU A 62 -13.02 -3.10 -22.46
N GLN A 63 -14.00 -2.57 -23.18
CA GLN A 63 -13.80 -2.06 -24.53
C GLN A 63 -13.05 -0.76 -24.41
N GLN A 64 -12.06 -0.56 -25.27
CA GLN A 64 -11.15 0.58 -25.13
C GLN A 64 -11.02 1.22 -26.48
N GLU A 65 -11.27 2.53 -26.55
CA GLU A 65 -11.12 3.30 -27.78
C GLU A 65 -9.67 3.78 -27.85
N LEU A 66 -8.95 3.35 -28.89
CA LEU A 66 -7.48 3.53 -28.94
C LEU A 66 -7.04 4.81 -29.62
N GLU A 67 -7.27 5.94 -28.95
CA GLU A 67 -6.91 7.25 -29.49
C GLU A 67 -5.43 7.48 -29.87
N ASP A 68 -4.50 7.00 -29.05
CA ASP A 68 -3.05 7.15 -29.32
C ASP A 68 -2.63 6.03 -30.25
N GLU A 69 -2.38 6.39 -31.51
CA GLU A 69 -2.06 5.42 -32.55
C GLU A 69 -0.57 5.24 -32.76
N GLN A 70 0.24 5.94 -31.96
CA GLN A 70 1.67 5.66 -31.85
C GLN A 70 1.98 4.52 -30.89
N ARG A 71 0.95 3.93 -30.25
CA ARG A 71 1.11 2.78 -29.37
C ARG A 71 1.22 1.50 -30.18
N ARG A 72 2.13 0.64 -29.76
CA ARG A 72 2.38 -0.63 -30.41
C ARG A 72 1.35 -1.64 -29.95
N LEU A 73 0.98 -2.57 -30.83
CA LEU A 73 -0.01 -3.61 -30.52
C LEU A 73 0.39 -4.49 -29.33
N CYS A 74 1.70 -4.73 -29.17
CA CYS A 74 2.22 -5.48 -28.00
C CYS A 74 1.98 -4.74 -26.70
N ASP A 75 2.12 -3.41 -26.74
CA ASP A 75 1.84 -2.56 -25.56
C ASP A 75 0.34 -2.47 -25.25
N VAL A 76 -0.49 -2.31 -26.28
CA VAL A 76 -1.96 -2.28 -26.11
C VAL A 76 -2.46 -3.49 -25.33
N GLN A 77 -1.93 -4.68 -25.66
CA GLN A 77 -2.31 -5.96 -25.05
C GLN A 77 -3.81 -6.23 -25.11
N PRO A 78 -4.36 -6.34 -26.32
CA PRO A 78 -5.79 -6.66 -26.40
C PRO A 78 -6.03 -8.11 -25.97
N PHE A 79 -7.20 -8.38 -25.40
CA PHE A 79 -7.51 -9.71 -24.91
C PHE A 79 -7.35 -10.72 -26.03
N LEU A 80 -7.97 -10.42 -27.17
CA LEU A 80 -7.77 -11.19 -28.40
C LEU A 80 -7.39 -10.17 -29.44
N PRO A 81 -6.66 -10.61 -30.48
CA PRO A 81 -6.25 -9.68 -31.50
C PRO A 81 -7.46 -9.40 -32.42
N VAL A 82 -8.29 -8.46 -31.96
CA VAL A 82 -9.56 -8.12 -32.58
C VAL A 82 -9.69 -6.61 -32.52
N LEU A 83 -9.60 -5.96 -33.67
CA LEU A 83 -9.73 -4.52 -33.73
C LEU A 83 -10.98 -4.16 -34.56
N ARG A 84 -11.85 -3.38 -33.95
CA ARG A 84 -13.08 -2.88 -34.55
C ARG A 84 -12.95 -1.39 -34.83
N LEU A 85 -13.25 -1.01 -36.08
CA LEU A 85 -13.32 0.40 -36.45
C LEU A 85 -14.69 0.99 -36.07
N VAL A 86 -14.67 2.13 -35.40
CA VAL A 86 -15.85 2.75 -34.83
C VAL A 86 -15.67 4.24 -35.07
N ALA A 87 -16.76 5.00 -35.02
CA ALA A 87 -16.72 6.43 -35.31
C ALA A 87 -15.90 7.11 -34.24
N ARG A 88 -15.13 8.11 -34.66
CA ARG A 88 -14.24 8.84 -33.76
C ARG A 88 -14.99 9.65 -32.70
N GLU A 89 -16.10 10.27 -33.09
CA GLU A 89 -16.77 11.28 -32.25
C GLU A 89 -17.51 10.72 -31.04
N GLY A 90 -17.76 11.62 -30.07
CA GLY A 90 -18.29 11.30 -28.73
C GLY A 90 -17.60 12.19 -27.70
N ASP A 91 -17.88 11.98 -26.41
CA ASP A 91 -17.11 12.63 -25.32
C ASP A 91 -15.77 11.89 -25.15
N ARG A 92 -14.84 12.17 -26.07
CA ARG A 92 -13.60 11.41 -26.19
C ARG A 92 -12.63 11.59 -25.03
N VAL A 93 -12.74 12.72 -24.31
CA VAL A 93 -11.90 12.99 -23.14
C VAL A 93 -12.26 12.04 -22.00
N LYS A 94 -13.56 11.89 -21.74
CA LYS A 94 -14.04 10.97 -20.69
C LYS A 94 -13.77 9.49 -20.99
N LYS A 95 -13.96 9.11 -22.26
CA LYS A 95 -13.68 7.75 -22.73
C LYS A 95 -12.22 7.38 -22.51
N LEU A 96 -11.31 8.29 -22.89
CA LEU A 96 -9.87 8.11 -22.74
C LEU A 96 -9.47 7.93 -21.27
N ILE A 97 -9.93 8.85 -20.41
CA ILE A 97 -9.57 8.83 -19.00
C ILE A 97 -10.17 7.61 -18.30
N ASN A 98 -11.44 7.32 -18.58
CA ASN A 98 -12.07 6.10 -18.04
C ASN A 98 -11.24 4.87 -18.36
N SER A 99 -10.81 4.75 -19.62
CA SER A 99 -10.01 3.60 -20.05
C SER A 99 -8.58 3.55 -19.46
N GLN A 100 -7.93 4.70 -19.33
CA GLN A 100 -6.61 4.79 -18.70
C GLN A 100 -6.67 4.41 -17.22
N ILE A 101 -7.71 4.87 -16.51
CA ILE A 101 -7.88 4.58 -15.09
C ILE A 101 -8.00 3.08 -14.81
N SER A 102 -8.76 2.35 -15.65
CA SER A 102 -8.90 0.90 -15.52
C SER A 102 -7.58 0.16 -15.64
N LEU A 103 -6.76 0.59 -16.60
CA LEU A 103 -5.47 -0.05 -16.83
C LEU A 103 -4.44 0.31 -15.72
N LEU A 104 -4.54 1.52 -15.18
CA LEU A 104 -3.57 2.07 -14.24
C LEU A 104 -3.78 1.52 -12.83
N ILE A 105 -5.04 1.47 -12.40
CA ILE A 105 -5.39 0.92 -11.09
C ILE A 105 -5.48 -0.61 -11.04
N GLY A 106 -5.24 -1.29 -12.16
CA GLY A 106 -5.27 -2.76 -12.20
C GLY A 106 -6.63 -3.38 -11.89
N LYS A 107 -7.69 -2.67 -12.29
CA LYS A 107 -9.07 -3.11 -12.06
C LYS A 107 -10.05 -2.37 -13.00
N GLY A 108 -10.81 -3.11 -13.80
CA GLY A 108 -11.81 -2.48 -14.69
C GLY A 108 -12.84 -1.69 -13.91
N LEU A 109 -13.09 -0.45 -14.32
CA LEU A 109 -14.19 0.35 -13.72
C LEU A 109 -15.57 -0.35 -13.80
N HIS A 110 -15.75 -1.22 -14.78
CA HIS A 110 -17.01 -1.96 -14.91
C HIS A 110 -17.25 -2.88 -13.73
N GLU A 111 -16.17 -3.38 -13.12
CA GLU A 111 -16.30 -4.22 -11.91
C GLU A 111 -16.97 -3.50 -10.75
N PHE A 112 -16.88 -2.18 -10.71
CA PHE A 112 -17.61 -1.39 -9.71
C PHE A 112 -19.12 -1.30 -10.02
N ASP A 113 -19.46 -1.10 -11.31
CA ASP A 113 -20.85 -1.05 -11.78
C ASP A 113 -21.57 -2.39 -11.53
N SER A 114 -20.97 -3.47 -12.04
CA SER A 114 -21.45 -4.85 -11.88
C SER A 114 -21.97 -5.22 -10.49
N LEU A 115 -21.37 -4.65 -9.44
CA LEU A 115 -21.78 -4.86 -8.04
C LEU A 115 -23.23 -4.39 -7.72
N CYS A 116 -23.74 -3.42 -8.48
CA CYS A 116 -25.09 -2.87 -8.24
C CYS A 116 -25.27 -2.46 -6.78
N ASP A 117 -24.29 -1.72 -6.28
CA ASP A 117 -24.21 -1.34 -4.88
C ASP A 117 -24.37 0.19 -4.79
N PRO A 118 -25.43 0.66 -4.11
CA PRO A 118 -25.61 2.13 -4.05
C PRO A 118 -24.48 2.89 -3.31
N GLU A 119 -23.87 2.28 -2.29
CA GLU A 119 -22.75 2.91 -1.55
C GLU A 119 -21.55 3.18 -2.43
N VAL A 120 -21.16 2.18 -3.23
CA VAL A 120 -20.17 2.33 -4.28
C VAL A 120 -20.55 3.42 -5.28
N ASN A 121 -21.79 3.35 -5.77
CA ASN A 121 -22.30 4.33 -6.73
C ASN A 121 -22.29 5.75 -6.18
N ASP A 122 -22.71 5.91 -4.93
CA ASP A 122 -22.64 7.24 -4.27
C ASP A 122 -21.22 7.70 -3.94
N PHE A 123 -20.29 6.77 -3.67
CA PHE A 123 -18.89 7.13 -3.45
C PHE A 123 -18.32 7.72 -4.72
N ARG A 124 -18.40 6.95 -5.80
CA ARG A 124 -17.84 7.35 -7.09
C ARG A 124 -18.40 8.69 -7.56
N ALA A 125 -19.73 8.85 -7.49
CA ALA A 125 -20.37 10.10 -7.93
C ALA A 125 -19.89 11.31 -7.13
N LYS A 126 -19.93 11.20 -5.80
CA LYS A 126 -19.50 12.29 -4.92
C LYS A 126 -17.99 12.60 -4.99
N MET A 127 -17.16 11.56 -5.01
CA MET A 127 -15.70 11.74 -4.90
C MET A 127 -15.07 12.16 -6.20
N CYS A 128 -15.53 11.54 -7.29
CA CYS A 128 -15.09 11.94 -8.62
C CYS A 128 -15.44 13.40 -8.93
N GLN A 129 -16.63 13.82 -8.53
CA GLN A 129 -17.05 15.23 -8.62
C GLN A 129 -16.05 16.14 -7.89
N PHE A 130 -15.79 15.82 -6.62
CA PHE A 130 -14.95 16.66 -5.77
C PHE A 130 -13.48 16.76 -6.24
N CYS A 131 -12.94 15.67 -6.74
CA CYS A 131 -11.59 15.66 -7.28
C CYS A 131 -11.49 16.42 -8.60
N GLU A 132 -12.46 16.19 -9.50
CA GLU A 132 -12.56 16.94 -10.77
C GLU A 132 -12.70 18.45 -10.55
N GLU A 133 -13.57 18.83 -9.61
CA GLU A 133 -13.69 20.24 -9.17
C GLU A 133 -12.37 20.86 -8.71
N ALA A 134 -11.62 20.11 -7.89
CA ALA A 134 -10.33 20.58 -7.36
C ALA A 134 -9.28 20.69 -8.45
N ALA A 135 -9.20 19.68 -9.32
CA ALA A 135 -8.36 19.71 -10.52
C ALA A 135 -8.69 20.89 -11.47
N ALA A 136 -9.97 21.23 -11.61
CA ALA A 136 -10.39 22.34 -12.49
C ALA A 136 -10.08 23.68 -11.86
N ARG A 137 -10.28 23.78 -10.54
CA ARG A 137 -9.88 24.95 -9.75
C ARG A 137 -8.37 25.20 -9.90
N ARG A 138 -7.59 24.15 -9.71
CA ARG A 138 -6.12 24.20 -9.84
C ARG A 138 -5.67 24.81 -11.17
N GLN A 139 -6.34 24.45 -12.26
CA GLN A 139 -5.98 24.92 -13.60
C GLN A 139 -6.09 26.44 -13.73
N GLN A 140 -7.09 27.03 -13.07
CA GLN A 140 -7.31 28.49 -13.10
C GLN A 140 -6.20 29.28 -12.41
N LEU A 141 -5.67 28.73 -11.33
CA LEU A 141 -4.73 29.46 -10.47
C LEU A 141 -3.38 29.67 -11.15
N GLY A 142 -2.62 30.63 -10.63
CA GLY A 142 -1.36 31.07 -11.24
C GLY A 142 -0.27 30.02 -11.31
N TRP A 143 0.76 30.30 -12.11
CA TRP A 143 1.91 29.39 -12.25
C TRP A 143 2.65 29.16 -10.96
N GLU A 144 2.62 30.15 -10.05
CA GLU A 144 3.13 30.00 -8.69
C GLU A 144 2.41 28.84 -7.98
N ALA A 145 1.10 28.97 -7.81
CA ALA A 145 0.23 27.90 -7.28
C ALA A 145 0.53 26.53 -7.87
N TRP A 146 0.69 26.48 -9.20
CA TRP A 146 0.92 25.21 -9.90
C TRP A 146 2.27 24.62 -9.62
N LEU A 147 3.29 25.47 -9.57
CA LEU A 147 4.65 25.05 -9.21
C LEU A 147 4.68 24.46 -7.79
N GLN A 148 3.89 25.03 -6.90
CA GLN A 148 3.78 24.55 -5.52
C GLN A 148 2.99 23.24 -5.44
N TYR A 149 2.00 23.08 -6.31
CA TYR A 149 1.26 21.83 -6.42
C TYR A 149 2.18 20.71 -6.92
N SER A 150 2.87 20.95 -8.03
CA SER A 150 3.58 19.86 -8.71
C SER A 150 4.98 19.58 -8.18
N PHE A 151 5.67 20.62 -7.70
CA PHE A 151 7.06 20.50 -7.22
C PHE A 151 7.21 21.21 -5.89
N PRO A 152 6.65 20.61 -4.82
CA PRO A 152 6.76 21.26 -3.52
C PRO A 152 8.21 21.29 -3.05
N LEU A 153 8.54 22.26 -2.21
CA LEU A 153 9.92 22.50 -1.81
C LEU A 153 10.48 21.29 -1.05
N GLN A 154 11.70 20.91 -1.40
CA GLN A 154 12.45 19.88 -0.71
C GLN A 154 13.40 20.60 0.24
N LEU A 155 13.02 20.67 1.52
CA LEU A 155 13.77 21.41 2.53
C LEU A 155 14.30 20.48 3.59
N GLU A 156 15.45 20.84 4.16
CA GLU A 156 16.01 20.16 5.32
C GLU A 156 15.14 20.44 6.54
N PRO A 157 15.12 19.49 7.52
CA PRO A 157 14.37 19.68 8.78
C PRO A 157 14.63 21.04 9.44
N SER A 158 15.90 21.41 9.55
CA SER A 158 16.30 22.77 9.91
C SER A 158 15.73 23.26 11.24
N ASN A 171 27.35 32.20 8.25
CA ASN A 171 27.37 32.37 6.80
C ASN A 171 28.74 32.07 6.18
N ARG A 172 28.72 31.32 5.08
CA ARG A 172 29.91 31.00 4.29
C ARG A 172 29.73 31.47 2.85
N ALA A 173 30.85 31.69 2.16
CA ALA A 173 30.87 32.13 0.78
C ALA A 173 31.23 30.95 -0.13
N LEU A 174 30.23 30.38 -0.80
CA LEU A 174 30.44 29.31 -1.80
C LEU A 174 29.68 29.61 -3.10
N LEU A 175 30.24 29.15 -4.22
CA LEU A 175 29.80 29.55 -5.56
C LEU A 175 28.77 28.61 -6.18
N VAL A 176 27.97 29.18 -7.09
CA VAL A 176 26.89 28.48 -7.81
C VAL A 176 26.98 28.75 -9.31
N ASN A 177 26.77 27.70 -10.12
CA ASN A 177 26.71 27.82 -11.58
C ASN A 177 25.27 28.05 -12.00
N VAL A 178 25.03 29.12 -12.76
CA VAL A 178 23.68 29.44 -13.26
C VAL A 178 23.66 29.51 -14.79
N LYS A 179 22.55 29.03 -15.35
CA LYS A 179 22.33 28.90 -16.79
C LYS A 179 20.90 29.39 -17.09
N PHE A 180 20.60 29.64 -18.37
CA PHE A 180 19.24 29.93 -18.83
C PHE A 180 18.73 28.81 -19.75
N GLU A 181 17.42 28.77 -19.91
CA GLU A 181 16.76 27.69 -20.64
C GLU A 181 17.03 27.82 -22.14
N GLY A 182 17.75 26.84 -22.70
CA GLY A 182 18.14 26.85 -24.12
C GLY A 182 19.35 27.72 -24.41
N SER A 183 20.41 27.52 -23.62
CA SER A 183 21.65 28.32 -23.73
C SER A 183 22.87 27.49 -23.31
N GLU A 184 23.86 27.41 -24.20
CA GLU A 184 25.10 26.66 -23.95
C GLU A 184 25.92 27.29 -22.81
N GLU A 185 26.03 28.61 -22.82
CA GLU A 185 26.87 29.32 -21.85
C GLU A 185 26.28 29.33 -20.44
N SER A 186 27.16 29.26 -19.45
CA SER A 186 26.80 29.29 -18.03
C SER A 186 27.48 30.46 -17.33
N PHE A 187 27.05 30.75 -16.10
CA PHE A 187 27.57 31.85 -15.28
C PHE A 187 27.91 31.34 -13.88
N THR A 188 29.20 31.29 -13.56
CA THR A 188 29.68 30.87 -12.24
C THR A 188 30.00 32.10 -11.38
N PHE A 189 29.41 32.14 -10.18
CA PHE A 189 29.63 33.25 -9.24
C PHE A 189 29.15 32.92 -7.83
N GLN A 190 29.69 33.64 -6.83
CA GLN A 190 29.37 33.37 -5.41
C GLN A 190 28.19 34.20 -4.90
N VAL A 191 27.47 33.62 -3.94
CA VAL A 191 26.38 34.29 -3.20
C VAL A 191 26.41 33.76 -1.75
N SER A 192 25.64 34.38 -0.86
CA SER A 192 25.60 33.92 0.53
C SER A 192 24.92 32.57 0.64
N THR A 193 25.40 31.76 1.57
CA THR A 193 24.71 30.52 1.96
C THR A 193 23.31 30.86 2.48
N LYS A 194 23.18 32.01 3.15
CA LYS A 194 21.95 32.48 3.78
C LYS A 194 21.15 33.50 2.93
N ASP A 195 21.50 33.65 1.64
CA ASP A 195 20.72 34.48 0.70
C ASP A 195 19.43 33.77 0.26
N VAL A 196 18.33 34.52 0.18
CA VAL A 196 17.03 34.01 -0.29
C VAL A 196 17.08 33.87 -1.83
N PRO A 197 16.37 32.88 -2.42
CA PRO A 197 16.54 32.55 -3.85
C PRO A 197 16.24 33.67 -4.85
N LEU A 198 15.29 34.58 -4.54
CA LEU A 198 15.11 35.82 -5.31
C LEU A 198 16.44 36.53 -5.64
N ALA A 199 17.30 36.68 -4.62
CA ALA A 199 18.59 37.36 -4.75
C ALA A 199 19.56 36.70 -5.72
N LEU A 200 19.47 35.38 -5.89
CA LEU A 200 20.27 34.66 -6.88
C LEU A 200 19.76 34.96 -8.31
N MET A 201 18.43 34.94 -8.47
CA MET A 201 17.80 35.19 -9.78
C MET A 201 18.08 36.61 -10.25
N ALA A 202 17.85 37.58 -9.36
CA ALA A 202 18.20 39.00 -9.61
C ALA A 202 19.67 39.20 -10.02
N CYS A 203 20.57 38.41 -9.43
CA CYS A 203 21.99 38.48 -9.77
C CYS A 203 22.28 37.96 -11.17
N ALA A 204 21.78 36.77 -11.50
CA ALA A 204 21.99 36.17 -12.85
C ALA A 204 21.42 37.03 -13.98
N LEU A 205 20.28 37.68 -13.72
CA LEU A 205 19.70 38.70 -14.63
C LEU A 205 20.64 39.86 -14.91
N ARG A 206 21.27 40.39 -13.87
CA ARG A 206 22.27 41.47 -14.01
C ARG A 206 23.51 40.97 -14.75
N LYS A 207 23.94 39.75 -14.45
CA LYS A 207 25.04 39.08 -15.17
C LYS A 207 24.70 38.86 -16.65
N LYS A 208 23.43 38.60 -16.96
CA LYS A 208 22.95 38.47 -18.34
C LYS A 208 22.85 39.83 -19.02
N ALA A 209 22.22 40.79 -18.35
CA ALA A 209 22.02 42.15 -18.91
C ALA A 209 23.34 42.93 -19.09
N THR A 210 24.30 42.75 -18.18
CA THR A 210 25.61 43.39 -18.29
C THR A 210 26.46 42.76 -19.39
N VAL A 211 26.52 41.42 -19.40
CA VAL A 211 27.27 40.65 -20.41
C VAL A 211 26.37 39.60 -21.06
N ARG A 213 22.49 41.97 -23.20
CA ARG A 213 22.24 43.06 -24.16
C ARG A 213 21.44 44.22 -23.56
N GLN A 214 20.58 43.93 -22.57
CA GLN A 214 19.78 44.91 -21.82
C GLN A 214 18.99 45.90 -22.70
N VAL A 217 15.93 43.44 -20.45
CA VAL A 217 15.90 43.73 -19.02
C VAL A 217 14.48 43.57 -18.45
N GLU A 218 14.28 42.49 -17.67
CA GLU A 218 12.98 42.15 -17.06
C GLU A 218 13.14 41.83 -15.57
N GLN A 219 12.00 41.64 -14.88
CA GLN A 219 12.00 41.39 -13.43
C GLN A 219 12.51 40.00 -13.03
N PRO A 220 12.95 39.83 -11.75
CA PRO A 220 13.35 38.52 -11.23
C PRO A 220 12.16 37.61 -10.91
N GLU A 221 11.01 38.19 -10.58
CA GLU A 221 9.79 37.43 -10.24
C GLU A 221 9.08 36.80 -11.45
N ASP A 222 9.56 37.08 -12.66
CA ASP A 222 9.15 36.33 -13.86
C ASP A 222 9.78 34.92 -13.93
N TYR A 223 10.77 34.66 -13.08
CA TYR A 223 11.55 33.42 -13.13
C TYR A 223 11.36 32.51 -11.91
N THR A 224 11.90 31.30 -12.03
CA THR A 224 12.10 30.35 -10.93
C THR A 224 13.41 29.61 -11.23
N LEU A 225 13.98 28.93 -10.22
CA LEU A 225 15.24 28.19 -10.36
C LEU A 225 15.00 26.67 -10.35
N GLN A 226 15.54 25.98 -11.36
CA GLN A 226 15.48 24.53 -11.46
C GLN A 226 16.85 23.90 -11.21
N VAL A 227 16.89 22.79 -10.47
CA VAL A 227 18.11 22.01 -10.34
C VAL A 227 18.32 21.22 -11.63
N ASN A 228 19.46 21.44 -12.29
CA ASN A 228 19.79 20.77 -13.56
C ASN A 228 19.56 19.25 -13.54
N GLY A 229 18.79 18.78 -14.52
CA GLY A 229 18.48 17.35 -14.66
C GLY A 229 17.54 16.78 -13.60
N ARG A 230 16.77 17.67 -12.95
CA ARG A 230 15.80 17.28 -11.93
C ARG A 230 14.54 18.15 -11.98
N HIS A 231 13.41 17.58 -11.55
CA HIS A 231 12.23 18.38 -11.26
C HIS A 231 12.24 18.80 -9.81
N GLU A 232 13.28 19.54 -9.42
CA GLU A 232 13.38 20.14 -8.08
C GLU A 232 13.62 21.63 -8.29
N TYR A 233 12.86 22.44 -7.56
CA TYR A 233 12.82 23.88 -7.80
C TYR A 233 12.99 24.66 -6.52
N LEU A 234 13.74 25.76 -6.63
CA LEU A 234 14.11 26.61 -5.50
C LEU A 234 13.34 27.92 -5.59
N TYR A 235 12.41 28.11 -4.66
CA TYR A 235 11.56 29.30 -4.62
C TYR A 235 11.11 29.53 -3.17
N GLY A 236 10.34 30.57 -2.93
CA GLY A 236 9.79 30.84 -1.60
C GLY A 236 10.72 31.66 -0.72
N SER A 237 10.23 32.02 0.47
CA SER A 237 10.91 32.94 1.36
C SER A 237 12.08 32.37 2.21
N TYR A 238 12.42 31.09 2.03
CA TYR A 238 13.48 30.40 2.80
C TYR A 238 14.89 30.76 2.30
N PRO A 239 15.92 30.63 3.16
CA PRO A 239 17.30 30.85 2.72
C PRO A 239 17.85 29.66 1.93
N LEU A 240 18.94 29.86 1.22
CA LEU A 240 19.44 28.86 0.25
C LEU A 240 19.96 27.56 0.89
N CYS A 241 20.66 27.65 2.02
CA CYS A 241 21.18 26.47 2.71
C CYS A 241 20.09 25.50 3.21
N GLN A 242 18.87 26.00 3.44
CA GLN A 242 17.72 25.14 3.82
C GLN A 242 17.19 24.20 2.72
N PHE A 243 17.60 24.38 1.47
CA PHE A 243 17.19 23.46 0.39
C PHE A 243 18.06 22.21 0.40
N GLN A 244 17.46 21.05 0.12
CA GLN A 244 18.17 19.76 0.17
C GLN A 244 19.29 19.64 -0.87
N TYR A 245 19.10 20.22 -2.05
CA TYR A 245 20.16 20.21 -3.08
C TYR A 245 21.37 21.02 -2.65
N ILE A 246 21.11 22.19 -2.09
CA ILE A 246 22.14 23.13 -1.69
C ILE A 246 22.87 22.60 -0.47
N CYS A 247 22.11 22.19 0.54
CA CYS A 247 22.65 21.55 1.74
C CYS A 247 23.56 20.36 1.40
N SER A 248 23.12 19.54 0.45
CA SER A 248 23.87 18.37 0.02
C SER A 248 25.16 18.78 -0.70
N CYS A 249 25.02 19.62 -1.72
CA CYS A 249 26.15 20.23 -2.45
C CYS A 249 27.19 20.87 -1.54
N LEU A 250 26.71 21.75 -0.65
CA LEU A 250 27.53 22.51 0.30
C LEU A 250 28.38 21.61 1.22
N HIS A 251 27.76 20.55 1.75
CA HIS A 251 28.43 19.54 2.58
C HIS A 251 29.46 18.75 1.80
N SER A 252 29.11 18.35 0.58
CA SER A 252 30.02 17.62 -0.33
C SER A 252 31.10 18.50 -0.96
N GLY A 253 30.89 19.81 -1.00
CA GLY A 253 31.84 20.76 -1.63
C GLY A 253 31.63 21.00 -3.13
N LEU A 254 30.62 20.35 -3.72
CA LEU A 254 30.29 20.50 -5.14
C LEU A 254 29.46 21.75 -5.35
N THR A 255 29.63 22.40 -6.50
CA THR A 255 28.99 23.70 -6.79
C THR A 255 27.60 23.48 -7.40
N PRO A 256 26.53 24.10 -6.82
CA PRO A 256 25.19 23.93 -7.37
C PRO A 256 25.06 24.34 -8.86
N HIS A 257 24.35 23.52 -9.64
CA HIS A 257 24.09 23.78 -11.07
C HIS A 257 22.62 24.01 -11.25
N LEU A 258 22.25 25.26 -11.58
CA LEU A 258 20.85 25.67 -11.68
C LEU A 258 20.50 26.24 -13.06
N THR A 259 19.20 26.26 -13.34
CA THR A 259 18.63 26.79 -14.60
C THR A 259 17.53 27.80 -14.26
N MET A 260 17.63 29.01 -14.83
CA MET A 260 16.55 30.00 -14.75
C MET A 260 15.47 29.64 -15.77
N VAL A 261 14.26 29.42 -15.27
CA VAL A 261 13.10 29.03 -16.09
C VAL A 261 12.02 30.12 -15.99
N HIS A 262 11.62 30.65 -17.14
CA HIS A 262 10.62 31.73 -17.23
C HIS A 262 9.23 31.23 -16.89
N SER A 263 8.38 32.12 -16.39
CA SER A 263 7.00 31.81 -15.98
C SER A 263 6.15 31.11 -17.07
N SER A 264 6.22 31.64 -18.29
CA SER A 264 5.58 31.03 -19.47
C SER A 264 6.04 29.59 -19.72
N SER A 265 7.31 29.31 -19.42
CA SER A 265 7.84 27.94 -19.51
C SER A 265 7.23 27.00 -18.46
N ILE A 266 6.72 27.56 -17.35
CA ILE A 266 5.97 26.80 -16.34
C ILE A 266 4.47 26.68 -16.69
N LEU A 267 3.90 27.71 -17.31
CA LEU A 267 2.55 27.60 -17.88
C LEU A 267 2.48 26.54 -18.98
N ALA A 268 3.53 26.43 -19.78
CA ALA A 268 3.63 25.38 -20.82
C ALA A 268 3.53 23.94 -20.25
N MET A 269 4.12 23.72 -19.06
CA MET A 269 3.98 22.44 -18.34
C MET A 269 2.55 22.22 -17.85
N ARG A 270 1.95 23.28 -17.32
CA ARG A 270 0.54 23.26 -16.87
C ARG A 270 -0.44 23.00 -18.02
N ASP A 271 -0.12 23.53 -19.21
CA ASP A 271 -0.97 23.41 -20.39
C ASP A 271 -0.35 22.43 -21.40
N GLU A 272 -0.04 21.23 -20.93
CA GLU A 272 0.66 20.21 -21.73
C GLU A 272 -0.29 19.52 -22.71
N SER A 296 -39.97 7.50 8.52
CA SER A 296 -39.76 8.93 8.80
C SER A 296 -40.08 9.30 10.25
N SER A 297 -41.25 8.82 10.74
CA SER A 297 -41.78 9.19 12.06
C SER A 297 -41.66 8.06 13.11
N VAL A 298 -40.54 7.33 13.08
CA VAL A 298 -40.25 6.28 14.07
C VAL A 298 -38.79 6.40 14.53
N SER A 299 -38.58 6.81 15.78
CA SER A 299 -37.24 6.92 16.36
C SER A 299 -36.65 5.54 16.66
N LEU A 300 -35.32 5.46 16.64
CA LEU A 300 -34.59 4.26 17.07
C LEU A 300 -34.75 4.01 18.57
N TRP A 301 -34.81 5.10 19.35
CA TRP A 301 -34.89 5.02 20.80
C TRP A 301 -36.23 4.61 21.36
N SER A 302 -37.25 4.51 20.50
CA SER A 302 -38.57 3.98 20.88
C SER A 302 -38.71 2.44 20.80
N LEU A 303 -37.66 1.75 20.35
CA LEU A 303 -37.71 0.31 20.05
C LEU A 303 -37.05 -0.54 21.15
N GLU A 304 -37.75 -0.67 22.28
CA GLU A 304 -37.21 -1.32 23.48
C GLU A 304 -37.44 -2.83 23.52
N GLN A 305 -37.06 -3.53 22.44
CA GLN A 305 -37.09 -5.01 22.41
C GLN A 305 -35.74 -5.56 21.93
N PRO A 306 -35.37 -6.79 22.35
CA PRO A 306 -34.05 -7.35 22.02
C PRO A 306 -33.69 -7.37 20.54
N PHE A 307 -32.42 -7.17 20.23
CA PHE A 307 -31.91 -7.41 18.88
C PHE A 307 -31.87 -8.91 18.62
N ARG A 308 -32.20 -9.30 17.39
CA ARG A 308 -32.20 -10.70 16.98
C ARG A 308 -32.02 -10.86 15.48
N ILE A 309 -31.56 -12.04 15.09
CA ILE A 309 -31.32 -12.37 13.69
C ILE A 309 -31.80 -13.79 13.43
N GLU A 310 -32.14 -14.07 12.17
CA GLU A 310 -32.47 -15.42 11.72
C GLU A 310 -31.27 -15.95 10.95
N LEU A 311 -30.64 -17.01 11.49
CA LEU A 311 -29.66 -17.79 10.75
C LEU A 311 -30.46 -18.78 9.92
N ILE A 312 -30.28 -18.74 8.61
CA ILE A 312 -31.05 -19.57 7.71
C ILE A 312 -30.20 -20.76 7.28
N GLN A 313 -29.16 -20.47 6.51
CA GLN A 313 -28.36 -21.50 5.86
C GLN A 313 -26.93 -21.00 5.65
N GLY A 314 -26.01 -21.94 5.52
CA GLY A 314 -24.69 -21.70 4.95
C GLY A 314 -24.57 -22.40 3.60
N SER A 315 -23.58 -22.01 2.81
CA SER A 315 -23.38 -22.60 1.49
C SER A 315 -21.90 -22.71 1.13
N LYS A 316 -21.56 -23.77 0.39
CA LYS A 316 -20.20 -24.07 -0.08
C LYS A 316 -19.19 -24.24 1.07
N VAL A 317 -19.67 -24.78 2.18
CA VAL A 317 -18.83 -25.14 3.30
C VAL A 317 -18.05 -26.40 2.91
N ASN A 318 -16.76 -26.41 3.22
CA ASN A 318 -15.85 -27.50 2.95
C ASN A 318 -15.19 -27.92 4.26
N ALA A 319 -15.79 -28.91 4.92
CA ALA A 319 -15.35 -29.33 6.26
C ALA A 319 -15.37 -30.85 6.39
N ASP A 320 -14.84 -31.31 7.52
CA ASP A 320 -14.72 -32.75 7.80
C ASP A 320 -16.13 -33.32 7.99
N GLU A 321 -16.46 -34.35 7.21
CA GLU A 321 -17.80 -34.96 7.18
C GLU A 321 -18.22 -35.60 8.52
N ARG A 322 -17.24 -36.06 9.28
CA ARG A 322 -17.48 -36.70 10.59
C ARG A 322 -17.94 -35.68 11.64
N MET A 323 -17.43 -34.45 11.54
CA MET A 323 -17.73 -33.38 12.49
C MET A 323 -19.12 -32.78 12.29
N LYS A 324 -19.49 -31.84 13.16
CA LYS A 324 -20.74 -31.08 13.07
C LYS A 324 -20.40 -29.60 12.96
N LEU A 325 -21.30 -28.81 12.37
CA LEU A 325 -21.08 -27.37 12.18
C LEU A 325 -21.87 -26.53 13.20
N VAL A 326 -21.23 -25.45 13.67
CA VAL A 326 -21.83 -24.46 14.58
C VAL A 326 -21.49 -23.05 14.10
N VAL A 327 -22.40 -22.10 14.35
CA VAL A 327 -22.16 -20.69 14.03
C VAL A 327 -22.18 -19.89 15.33
N GLN A 328 -21.04 -19.30 15.68
CA GLN A 328 -20.95 -18.33 16.78
C GLN A 328 -21.25 -16.94 16.23
N ALA A 329 -22.14 -16.22 16.92
CA ALA A 329 -22.44 -14.82 16.60
C ALA A 329 -22.27 -13.92 17.82
N GLY A 330 -21.79 -12.70 17.58
CA GLY A 330 -21.62 -11.70 18.63
C GLY A 330 -21.73 -10.29 18.07
N LEU A 331 -22.19 -9.37 18.92
CA LEU A 331 -22.27 -7.94 18.59
C LEU A 331 -21.03 -7.25 19.15
N PHE A 332 -20.48 -6.32 18.38
CA PHE A 332 -19.26 -5.61 18.72
C PHE A 332 -19.30 -4.12 18.37
N HIS A 333 -18.58 -3.32 19.17
CA HIS A 333 -18.26 -1.93 18.85
C HIS A 333 -16.78 -1.80 18.95
N GLY A 334 -16.12 -1.67 17.80
CA GLY A 334 -14.67 -1.77 17.73
C GLY A 334 -14.25 -3.18 18.11
N ASN A 335 -13.54 -3.30 19.23
CA ASN A 335 -13.06 -4.58 19.76
C ASN A 335 -13.73 -5.00 21.08
N GLU A 336 -14.64 -4.17 21.61
CA GLU A 336 -15.42 -4.53 22.80
C GLU A 336 -16.79 -5.14 22.45
N MET A 337 -17.18 -6.14 23.24
CA MET A 337 -18.48 -6.81 23.09
C MET A 337 -19.61 -5.91 23.61
N LEU A 338 -20.67 -5.79 22.83
CA LEU A 338 -21.86 -5.05 23.25
C LEU A 338 -22.72 -5.89 24.20
N CYS A 339 -22.68 -7.20 24.03
CA CYS A 339 -23.39 -8.16 24.89
C CYS A 339 -22.70 -9.52 24.79
N LYS A 340 -23.19 -10.49 25.56
CA LYS A 340 -22.66 -11.85 25.52
C LYS A 340 -22.93 -12.48 24.15
N THR A 341 -22.03 -13.37 23.71
CA THR A 341 -22.16 -14.02 22.40
C THR A 341 -23.21 -15.12 22.47
N VAL A 342 -23.85 -15.41 21.34
CA VAL A 342 -24.90 -16.43 21.24
C VAL A 342 -24.57 -17.40 20.10
N SER A 343 -24.82 -18.69 20.31
CA SER A 343 -24.44 -19.75 19.37
C SER A 343 -25.65 -20.48 18.76
N SER A 344 -25.49 -20.90 17.49
CA SER A 344 -26.45 -21.78 16.83
C SER A 344 -26.33 -23.20 17.38
N SER A 345 -27.20 -24.08 16.91
CA SER A 345 -27.13 -25.49 17.25
C SER A 345 -26.16 -26.22 16.34
N GLU A 346 -25.86 -27.45 16.72
CA GLU A 346 -25.01 -28.34 15.93
C GLU A 346 -25.84 -29.03 14.86
N VAL A 347 -25.49 -28.78 13.59
CA VAL A 347 -25.99 -29.53 12.44
C VAL A 347 -24.83 -30.33 11.87
N SER A 348 -25.12 -31.46 11.24
CA SER A 348 -24.08 -32.31 10.62
C SER A 348 -23.35 -31.55 9.52
N VAL A 349 -22.06 -31.83 9.34
CA VAL A 349 -21.28 -31.18 8.28
C VAL A 349 -21.83 -31.61 6.92
N CYS A 350 -22.10 -30.61 6.08
CA CYS A 350 -22.36 -30.78 4.66
C CYS A 350 -22.04 -29.46 3.96
N SER A 351 -22.09 -29.47 2.63
CA SER A 351 -21.85 -28.27 1.83
C SER A 351 -22.86 -27.14 2.05
N GLU A 352 -24.12 -27.51 2.27
CA GLU A 352 -25.25 -26.58 2.32
C GLU A 352 -26.06 -26.79 3.61
N PRO A 353 -25.44 -26.56 4.78
CA PRO A 353 -26.12 -26.79 6.06
C PRO A 353 -27.23 -25.79 6.34
N VAL A 354 -28.35 -26.28 6.88
CA VAL A 354 -29.53 -25.47 7.17
C VAL A 354 -29.75 -25.41 8.67
N TRP A 355 -30.01 -24.21 9.20
CA TRP A 355 -30.20 -24.00 10.65
C TRP A 355 -31.59 -23.56 10.98
N LYS A 356 -32.02 -22.44 10.40
CA LYS A 356 -33.35 -21.85 10.63
C LYS A 356 -33.63 -21.57 12.11
N GLN A 357 -32.71 -20.88 12.76
CA GLN A 357 -32.80 -20.51 14.18
C GLN A 357 -32.88 -19.01 14.36
N ARG A 358 -33.62 -18.60 15.39
CA ARG A 358 -33.64 -17.22 15.85
C ARG A 358 -32.53 -17.09 16.89
N LEU A 359 -31.51 -16.29 16.60
CA LEU A 359 -30.49 -15.96 17.61
C LEU A 359 -30.88 -14.64 18.27
N GLU A 360 -31.11 -14.67 19.58
CA GLU A 360 -31.50 -13.50 20.37
C GLU A 360 -30.32 -13.05 21.23
N PHE A 361 -30.04 -11.76 21.21
CA PHE A 361 -28.91 -11.18 21.93
C PHE A 361 -29.40 -10.36 23.12
N ASP A 362 -28.55 -10.23 24.14
CA ASP A 362 -28.89 -9.55 25.40
C ASP A 362 -28.67 -8.04 25.27
N ILE A 363 -29.38 -7.42 24.33
CA ILE A 363 -29.32 -5.98 24.10
C ILE A 363 -30.52 -5.54 23.26
N ASN A 364 -31.20 -4.47 23.69
CA ASN A 364 -32.34 -3.93 22.95
C ASN A 364 -31.87 -3.15 21.72
N ILE A 365 -32.77 -3.03 20.74
CA ILE A 365 -32.48 -2.32 19.49
C ILE A 365 -32.19 -0.83 19.75
N CYS A 366 -32.85 -0.27 20.75
CA CYS A 366 -32.62 1.14 21.14
C CYS A 366 -31.20 1.45 21.65
N ASP A 367 -30.43 0.43 22.03
CA ASP A 367 -29.10 0.60 22.63
C ASP A 367 -27.94 0.35 21.66
N LEU A 368 -28.24 -0.07 20.44
CA LEU A 368 -27.21 -0.36 19.44
C LEU A 368 -26.50 0.92 19.03
N PRO A 369 -25.15 0.98 19.17
CA PRO A 369 -24.43 2.18 18.73
C PRO A 369 -24.31 2.27 17.20
N ARG A 370 -23.97 3.44 16.70
CA ARG A 370 -23.93 3.70 15.26
C ARG A 370 -23.06 2.71 14.50
N MET A 371 -21.91 2.39 15.09
CA MET A 371 -20.92 1.51 14.45
C MET A 371 -21.00 0.06 14.96
N ALA A 372 -22.21 -0.38 15.34
CA ALA A 372 -22.42 -1.73 15.86
C ALA A 372 -22.19 -2.77 14.77
N ARG A 373 -21.42 -3.80 15.14
CA ARG A 373 -20.80 -4.76 14.23
C ARG A 373 -21.34 -6.15 14.61
N LEU A 374 -22.10 -6.77 13.71
CA LEU A 374 -22.53 -8.16 13.88
C LEU A 374 -21.46 -9.04 13.27
N CYS A 375 -20.90 -9.95 14.07
CA CYS A 375 -19.75 -10.75 13.67
C CYS A 375 -20.03 -12.23 13.82
N PHE A 376 -19.69 -13.00 12.78
CA PHE A 376 -19.97 -14.43 12.72
C PHE A 376 -18.68 -15.22 12.56
N ALA A 377 -18.68 -16.43 13.09
CA ALA A 377 -17.62 -17.40 12.82
C ALA A 377 -18.26 -18.77 12.64
N LEU A 378 -17.96 -19.43 11.54
CA LEU A 378 -18.46 -20.78 11.28
C LEU A 378 -17.39 -21.71 11.81
N TYR A 379 -17.80 -22.59 12.73
CA TYR A 379 -16.93 -23.54 13.41
C TYR A 379 -17.38 -24.97 13.12
N ALA A 380 -16.40 -25.84 12.80
CA ALA A 380 -16.63 -27.28 12.79
C ALA A 380 -16.19 -27.82 14.15
N VAL A 381 -17.06 -28.57 14.80
CA VAL A 381 -16.81 -29.12 16.13
C VAL A 381 -17.10 -30.62 16.14
N ILE A 382 -16.30 -31.37 16.90
CA ILE A 382 -16.63 -32.77 17.19
C ILE A 382 -17.93 -32.81 18.01
N GLU A 383 -18.81 -33.75 17.68
CA GLU A 383 -20.14 -33.88 18.32
C GLU A 383 -20.02 -34.00 19.85
N LYS A 384 -20.97 -33.41 20.57
CA LYS A 384 -20.94 -33.39 22.04
C LYS A 384 -21.16 -34.80 22.60
N ALA A 385 -20.12 -35.34 23.24
CA ALA A 385 -20.17 -36.70 23.80
C ALA A 385 -19.07 -36.91 24.83
N ALA A 398 -9.67 -29.63 19.79
CA ALA A 398 -9.48 -28.34 19.14
C ALA A 398 -10.59 -28.06 18.13
N ASP A 399 -11.49 -27.12 18.46
CA ASP A 399 -12.56 -26.71 17.56
C ASP A 399 -11.97 -26.01 16.34
N CYS A 400 -12.37 -26.44 15.15
CA CYS A 400 -11.86 -25.90 13.89
C CYS A 400 -12.56 -24.59 13.53
N PRO A 401 -11.84 -23.44 13.58
CA PRO A 401 -12.43 -22.23 13.01
C PRO A 401 -12.37 -22.29 11.48
N ILE A 402 -13.53 -22.37 10.82
CA ILE A 402 -13.60 -22.53 9.37
C ILE A 402 -13.48 -21.17 8.68
N ALA A 403 -14.35 -20.24 9.06
CA ALA A 403 -14.50 -18.96 8.36
C ALA A 403 -15.24 -17.98 9.23
N TRP A 404 -15.15 -16.70 8.86
CA TRP A 404 -15.75 -15.60 9.59
C TRP A 404 -16.31 -14.53 8.65
N ALA A 405 -17.18 -13.68 9.19
CA ALA A 405 -17.78 -12.60 8.40
C ALA A 405 -18.42 -11.59 9.35
N ASN A 406 -18.20 -10.31 9.07
CA ASN A 406 -18.75 -9.23 9.86
C ASN A 406 -19.71 -8.41 9.04
N LEU A 407 -20.66 -7.79 9.71
CA LEU A 407 -21.69 -6.99 9.07
C LEU A 407 -21.99 -5.78 9.95
N MET A 408 -22.00 -4.60 9.34
CA MET A 408 -22.52 -3.40 10.01
C MET A 408 -24.04 -3.51 10.10
N LEU A 409 -24.61 -3.22 11.26
CA LEU A 409 -26.07 -3.32 11.47
C LEU A 409 -26.84 -2.11 10.96
N PHE A 410 -26.19 -0.94 10.93
CA PHE A 410 -26.69 0.22 10.19
C PHE A 410 -25.86 0.38 8.93
N ASP A 411 -26.47 0.96 7.90
CA ASP A 411 -25.80 1.13 6.60
C ASP A 411 -25.18 2.52 6.49
N TYR A 412 -24.63 2.80 5.32
CA TYR A 412 -23.95 4.08 5.05
C TYR A 412 -24.82 5.33 5.08
N LYS A 413 -26.14 5.18 5.03
CA LYS A 413 -27.08 6.31 5.14
C LYS A 413 -27.76 6.41 6.51
N ASP A 414 -27.24 5.63 7.47
CA ASP A 414 -27.69 5.61 8.89
C ASP A 414 -28.96 4.78 9.15
N GLN A 415 -29.31 3.88 8.23
CA GLN A 415 -30.52 3.08 8.35
C GLN A 415 -30.21 1.73 8.98
N LEU A 416 -31.00 1.35 9.98
CA LEU A 416 -30.96 -0.03 10.50
C LEU A 416 -31.37 -1.00 9.39
N LYS A 417 -30.50 -1.98 9.14
CA LYS A 417 -30.72 -2.93 8.05
C LYS A 417 -31.89 -3.85 8.35
N THR A 418 -32.63 -4.21 7.29
CA THR A 418 -33.72 -5.18 7.39
C THR A 418 -33.67 -6.13 6.20
N GLY A 419 -34.22 -7.32 6.38
CA GLY A 419 -34.30 -8.30 5.30
C GLY A 419 -33.08 -9.17 5.20
N GLU A 420 -33.00 -9.92 4.10
CA GLU A 420 -31.95 -10.94 3.91
C GLU A 420 -30.58 -10.33 3.63
N ARG A 421 -29.53 -11.06 4.01
CA ARG A 421 -28.14 -10.79 3.58
C ARG A 421 -27.41 -12.08 3.29
N CYS A 422 -26.57 -12.07 2.26
CA CYS A 422 -25.70 -13.19 1.95
C CYS A 422 -24.27 -12.72 2.20
N LEU A 423 -23.70 -13.17 3.32
CA LEU A 423 -22.37 -12.78 3.76
C LEU A 423 -21.37 -13.82 3.25
N TYR A 424 -20.64 -13.49 2.19
CA TYR A 424 -19.60 -14.39 1.68
C TYR A 424 -18.40 -14.27 2.64
N MET A 425 -17.98 -15.42 3.16
CA MET A 425 -17.07 -15.48 4.30
C MET A 425 -15.61 -15.58 3.92
N TRP A 426 -14.77 -15.16 4.87
CA TRP A 426 -13.33 -15.24 4.74
C TRP A 426 -12.84 -16.37 5.59
N PRO A 427 -11.85 -17.15 5.11
CA PRO A 427 -11.33 -18.24 5.95
C PRO A 427 -10.55 -17.76 7.18
N SER A 428 -10.82 -18.43 8.30
CA SER A 428 -10.16 -18.15 9.54
C SER A 428 -8.76 -18.72 9.40
N VAL A 429 -7.77 -17.92 9.80
CA VAL A 429 -6.38 -18.32 9.81
C VAL A 429 -6.07 -18.63 11.27
N PRO A 430 -5.42 -19.77 11.55
CA PRO A 430 -5.09 -20.07 12.93
C PRO A 430 -3.94 -19.17 13.39
N ASP A 431 -4.28 -18.20 14.24
CA ASP A 431 -3.30 -17.28 14.82
C ASP A 431 -3.03 -17.65 16.28
N GLU A 432 -2.03 -17.01 16.87
CA GLU A 432 -1.58 -17.30 18.25
C GLU A 432 -2.69 -17.07 19.29
N LYS A 433 -3.22 -15.85 19.31
CA LYS A 433 -4.36 -15.51 20.18
C LYS A 433 -5.65 -16.00 19.53
N GLY A 434 -6.00 -17.26 19.81
CA GLY A 434 -7.10 -17.93 19.12
C GLY A 434 -8.49 -17.52 19.59
N GLU A 435 -8.92 -16.33 19.19
CA GLU A 435 -10.26 -15.83 19.50
C GLU A 435 -11.31 -16.53 18.64
N LEU A 436 -12.51 -16.67 19.18
CA LEU A 436 -13.64 -17.27 18.46
C LEU A 436 -14.00 -16.42 17.25
N LEU A 437 -14.29 -15.15 17.52
CA LEU A 437 -14.73 -14.20 16.51
C LEU A 437 -13.59 -13.28 16.09
N ASN A 438 -13.77 -12.62 14.96
CA ASN A 438 -12.80 -11.70 14.37
C ASN A 438 -13.43 -10.31 14.15
N PRO A 439 -13.79 -9.62 15.25
CA PRO A 439 -14.41 -8.30 15.14
C PRO A 439 -13.53 -7.19 14.51
N THR A 440 -12.20 -7.30 14.60
CA THR A 440 -11.31 -6.31 13.95
C THR A 440 -11.30 -6.48 12.41
N GLY A 441 -11.76 -7.63 11.93
CA GLY A 441 -11.83 -7.90 10.48
C GLY A 441 -12.77 -7.00 9.71
N THR A 442 -12.52 -6.93 8.40
CA THR A 442 -13.25 -6.06 7.51
C THR A 442 -14.76 -6.43 7.41
N VAL A 443 -15.60 -5.40 7.25
CA VAL A 443 -17.04 -5.57 7.04
C VAL A 443 -17.42 -5.85 5.58
N ARG A 444 -16.47 -5.64 4.66
CA ARG A 444 -16.64 -5.96 3.23
C ARG A 444 -16.83 -7.47 3.06
N SER A 445 -17.63 -7.86 2.08
CA SER A 445 -17.85 -9.28 1.77
C SER A 445 -16.72 -9.81 0.87
N ASN A 446 -16.41 -11.09 1.01
CA ASN A 446 -15.38 -11.76 0.20
C ASN A 446 -15.79 -11.62 -1.26
N PRO A 447 -14.95 -11.00 -2.11
CA PRO A 447 -15.33 -10.80 -3.52
C PRO A 447 -15.35 -12.08 -4.38
N ASN A 448 -14.76 -13.18 -3.90
CA ASN A 448 -14.86 -14.49 -4.58
C ASN A 448 -16.25 -15.12 -4.37
N THR A 449 -17.28 -14.41 -4.84
CA THR A 449 -18.67 -14.90 -4.72
C THR A 449 -18.90 -16.22 -5.44
N ASP A 450 -18.08 -16.52 -6.44
CA ASP A 450 -18.19 -17.77 -7.21
C ASP A 450 -17.96 -19.02 -6.35
N SER A 451 -16.89 -19.00 -5.54
CA SER A 451 -16.39 -20.19 -4.85
C SER A 451 -16.35 -20.13 -3.30
N ALA A 452 -16.45 -18.94 -2.70
CA ALA A 452 -16.28 -18.79 -1.26
C ALA A 452 -17.51 -19.24 -0.48
N ALA A 453 -17.31 -19.71 0.74
CA ALA A 453 -18.42 -20.07 1.63
C ALA A 453 -19.27 -18.84 1.98
N ALA A 454 -20.55 -19.07 2.23
CA ALA A 454 -21.48 -17.98 2.53
C ALA A 454 -22.46 -18.39 3.61
N LEU A 455 -22.95 -17.40 4.35
CA LEU A 455 -24.02 -17.61 5.33
C LEU A 455 -25.19 -16.73 4.91
N LEU A 456 -26.39 -17.30 4.94
CA LEU A 456 -27.61 -16.55 4.69
C LEU A 456 -28.26 -16.21 6.02
N ILE A 457 -28.55 -14.94 6.20
CA ILE A 457 -29.19 -14.42 7.41
C ILE A 457 -30.34 -13.49 7.04
N CYS A 458 -31.16 -13.19 8.03
CA CYS A 458 -32.28 -12.30 7.85
C CYS A 458 -32.49 -11.41 9.08
N LEU A 459 -32.27 -10.11 8.92
CA LEU A 459 -32.64 -9.14 9.96
C LEU A 459 -34.15 -8.88 9.85
N PRO A 460 -34.90 -9.07 10.96
CA PRO A 460 -36.35 -8.89 10.87
C PRO A 460 -36.75 -7.42 10.82
N GLU A 461 -37.88 -7.12 10.17
CA GLU A 461 -38.40 -5.75 10.12
C GLU A 461 -39.04 -5.42 11.47
N VAL A 462 -38.53 -4.37 12.10
CA VAL A 462 -38.85 -4.02 13.49
C VAL A 462 -39.98 -2.99 13.60
N ALA A 463 -40.02 -2.03 12.66
CA ALA A 463 -41.08 -1.03 12.57
C ALA A 463 -41.77 -1.13 11.20
N PRO A 464 -42.96 -0.52 11.04
CA PRO A 464 -43.59 -0.46 9.71
C PRO A 464 -42.78 0.39 8.72
N HIS A 465 -42.35 1.58 9.16
CA HIS A 465 -41.49 2.47 8.37
C HIS A 465 -40.05 2.28 8.77
N PRO A 466 -39.10 2.62 7.86
CA PRO A 466 -37.68 2.44 8.17
C PRO A 466 -37.21 3.34 9.31
N VAL A 467 -36.17 2.90 10.02
CA VAL A 467 -35.63 3.61 11.19
C VAL A 467 -34.18 3.99 10.94
N TYR A 468 -33.82 5.21 11.33
CA TYR A 468 -32.45 5.70 11.21
C TYR A 468 -31.82 5.82 12.59
N TYR A 469 -30.48 5.81 12.63
CA TYR A 469 -29.78 6.19 13.85
C TYR A 469 -30.04 7.70 14.02
N PRO A 470 -30.44 8.15 15.22
CA PRO A 470 -30.80 9.55 15.37
C PRO A 470 -29.76 10.57 14.91
N ALA A 471 -30.24 11.68 14.35
CA ALA A 471 -29.38 12.76 13.89
C ALA A 471 -28.65 13.43 15.06
N LEU A 472 -27.58 14.15 14.73
CA LEU A 472 -26.75 14.87 15.71
C LEU A 472 -27.55 15.75 16.67
N GLU A 473 -28.57 16.44 16.16
CA GLU A 473 -29.39 17.34 16.97
C GLU A 473 -30.11 16.60 18.11
N LYS A 474 -30.67 15.43 17.80
CA LYS A 474 -31.38 14.60 18.77
C LYS A 474 -30.43 13.88 19.74
N ILE A 475 -29.17 13.70 19.34
CA ILE A 475 -28.13 13.15 20.22
C ILE A 475 -27.70 14.18 21.26
N LEU A 476 -27.42 15.40 20.80
CA LEU A 476 -27.08 16.53 21.69
C LEU A 476 -28.26 16.97 22.57
N GLU A 477 -29.49 16.67 22.14
CA GLU A 477 -30.70 16.85 22.97
C GLU A 477 -30.62 15.96 24.21
N LEU A 478 -30.50 14.64 23.98
CA LEU A 478 -30.41 13.64 25.05
C LEU A 478 -29.11 13.74 25.86
N GLY A 479 -28.02 14.14 25.19
CA GLY A 479 -26.68 14.14 25.79
C GLY A 479 -26.40 15.16 26.89
N ARG A 480 -27.13 16.28 26.91
CA ARG A 480 -26.98 17.29 27.97
C ARG A 480 -27.43 16.74 29.34
N HIS A 481 -26.58 16.95 30.35
CA HIS A 481 -26.81 16.48 31.74
C HIS A 481 -26.93 14.99 31.83
N THR A 488 -15.90 16.37 44.33
CA THR A 488 -15.19 16.60 45.59
C THR A 488 -13.66 16.55 45.40
N GLU A 489 -12.93 16.94 46.43
CA GLU A 489 -11.46 17.03 46.37
C GLU A 489 -10.75 15.68 46.34
N GLU A 490 -11.29 14.70 47.08
CA GLU A 490 -10.69 13.36 47.17
C GLU A 490 -10.70 12.67 45.81
N GLU A 491 -11.86 12.62 45.17
CA GLU A 491 -12.01 12.01 43.84
C GLU A 491 -11.27 12.75 42.70
N GLN A 492 -11.02 14.05 42.89
CA GLN A 492 -10.13 14.81 41.98
C GLN A 492 -8.66 14.37 42.09
N LEU A 493 -8.20 14.11 43.31
CA LEU A 493 -6.86 13.52 43.53
C LEU A 493 -6.76 12.09 42.98
N GLN A 494 -7.86 11.33 43.09
CA GLN A 494 -7.93 9.96 42.57
C GLN A 494 -8.03 9.88 41.04
N LEU A 495 -8.62 10.91 40.41
CA LEU A 495 -8.64 11.01 38.95
C LEU A 495 -7.23 11.27 38.40
N ARG A 496 -6.52 12.21 39.02
CA ARG A 496 -5.12 12.57 38.68
C ARG A 496 -4.25 11.32 38.47
N GLU A 497 -4.10 10.53 39.53
CA GLU A 497 -3.22 9.34 39.52
C GLU A 497 -3.67 8.25 38.54
N ILE A 498 -4.99 8.13 38.37
CA ILE A 498 -5.57 7.24 37.36
C ILE A 498 -5.17 7.59 35.92
N LEU A 499 -4.94 8.88 35.64
CA LEU A 499 -4.47 9.31 34.31
C LEU A 499 -2.93 9.42 34.20
N GLU A 500 -2.23 8.42 34.75
CA GLU A 500 -0.79 8.23 34.53
C GLU A 500 -0.48 6.73 34.50
N GLY A 505 -1.18 1.02 30.05
CA GLY A 505 -2.08 1.56 31.07
C GLY A 505 -3.51 1.10 30.92
N GLU A 506 -3.76 -0.17 31.26
CA GLU A 506 -5.10 -0.76 31.21
C GLU A 506 -5.90 -0.36 32.45
N LEU A 507 -7.02 0.35 32.24
CA LEU A 507 -7.93 0.72 33.32
C LEU A 507 -8.87 -0.45 33.66
N TYR A 508 -9.07 -0.69 34.95
CA TYR A 508 -9.96 -1.75 35.43
C TYR A 508 -11.33 -1.18 35.75
N GLU A 509 -12.30 -2.07 35.99
CA GLU A 509 -13.72 -1.69 36.09
C GLU A 509 -14.02 -0.62 37.16
N HIS A 510 -13.37 -0.74 38.32
CA HIS A 510 -13.53 0.25 39.40
C HIS A 510 -13.06 1.63 39.00
N GLU A 511 -11.97 1.67 38.24
CA GLU A 511 -11.42 2.92 37.71
C GLU A 511 -12.29 3.48 36.57
N LYS A 512 -12.84 2.60 35.73
CA LYS A 512 -13.77 2.98 34.63
C LYS A 512 -14.97 3.81 35.10
N ASP A 513 -15.61 3.38 36.19
CA ASP A 513 -16.76 4.10 36.76
C ASP A 513 -16.40 5.48 37.35
N LEU A 514 -15.16 5.64 37.82
CA LEU A 514 -14.70 6.92 38.36
C LEU A 514 -14.50 7.94 37.24
N VAL A 515 -13.79 7.52 36.20
CA VAL A 515 -13.56 8.37 35.02
C VAL A 515 -14.90 8.79 34.38
N TRP A 516 -15.85 7.86 34.33
CA TRP A 516 -17.18 8.11 33.76
C TRP A 516 -17.93 9.17 34.52
N LYS A 517 -17.98 9.01 35.84
CA LYS A 517 -18.58 10.01 36.72
C LYS A 517 -17.95 11.40 36.52
N LEU A 518 -16.62 11.45 36.51
CA LEU A 518 -15.88 12.71 36.39
C LEU A 518 -15.44 12.98 34.95
N ARG A 519 -16.32 12.62 34.01
CA ARG A 519 -16.10 12.89 32.58
C ARG A 519 -16.05 14.39 32.28
N HIS A 520 -16.91 15.17 32.92
CA HIS A 520 -16.85 16.64 32.80
C HIS A 520 -15.54 17.19 33.30
N GLU A 521 -14.97 16.58 34.34
CA GLU A 521 -13.64 16.96 34.87
C GLU A 521 -12.52 16.59 33.90
N VAL A 522 -12.60 15.40 33.31
CA VAL A 522 -11.66 14.96 32.26
C VAL A 522 -11.63 15.93 31.06
N GLN A 523 -12.78 16.48 30.68
CA GLN A 523 -12.84 17.45 29.56
C GLN A 523 -12.24 18.80 29.97
N GLU A 524 -12.54 19.22 31.19
CA GLU A 524 -12.07 20.51 31.71
C GLU A 524 -10.55 20.50 31.94
N HIS A 525 -10.07 19.46 32.64
CA HIS A 525 -8.70 19.40 33.16
C HIS A 525 -7.74 18.46 32.47
N PHE A 526 -8.25 17.43 31.78
CA PHE A 526 -7.39 16.42 31.13
C PHE A 526 -7.77 16.11 29.67
N PRO A 527 -7.91 17.16 28.82
CA PRO A 527 -8.34 16.92 27.42
C PRO A 527 -7.52 15.91 26.61
N GLU A 528 -6.23 15.78 26.95
CA GLU A 528 -5.37 14.73 26.38
C GLU A 528 -5.79 13.29 26.75
N ALA A 529 -6.63 13.14 27.77
CA ALA A 529 -7.16 11.83 28.17
C ALA A 529 -8.42 11.35 27.43
N LEU A 530 -8.83 12.04 26.36
CA LEU A 530 -10.08 11.72 25.62
C LEU A 530 -10.19 10.23 25.26
N ALA A 531 -9.07 9.63 24.86
CA ALA A 531 -9.06 8.22 24.44
C ALA A 531 -9.41 7.27 25.59
N ARG A 532 -8.92 7.58 26.79
CA ARG A 532 -9.21 6.77 27.95
C ARG A 532 -10.69 6.86 28.29
N LEU A 533 -11.23 8.07 28.23
CA LEU A 533 -12.65 8.30 28.47
C LEU A 533 -13.55 7.58 27.46
N LEU A 534 -13.16 7.55 26.19
CA LEU A 534 -13.92 6.88 25.14
C LEU A 534 -13.98 5.35 25.33
N LEU A 535 -12.93 4.77 25.91
CA LEU A 535 -12.91 3.33 26.23
C LEU A 535 -13.72 2.98 27.47
N VAL A 536 -13.84 3.90 28.42
CA VAL A 536 -14.65 3.67 29.63
C VAL A 536 -16.14 3.85 29.39
N THR A 537 -16.52 4.59 28.33
CA THR A 537 -17.91 4.78 27.94
C THR A 537 -18.57 3.44 27.59
N LYS A 538 -19.82 3.26 28.03
CA LYS A 538 -20.55 2.02 27.80
C LYS A 538 -21.34 2.15 26.49
N TRP A 539 -20.74 1.65 25.40
CA TRP A 539 -21.30 1.79 24.05
C TRP A 539 -22.52 0.92 23.78
N ASN A 540 -22.85 0.01 24.70
CA ASN A 540 -24.11 -0.74 24.69
C ASN A 540 -25.28 -0.08 25.47
N LYS A 541 -25.21 1.25 25.68
CA LYS A 541 -26.30 2.02 26.29
C LYS A 541 -26.41 3.38 25.60
N HIS A 542 -27.53 3.62 24.91
CA HIS A 542 -27.68 4.85 24.10
C HIS A 542 -27.68 6.15 24.87
N GLU A 543 -28.04 6.10 26.15
CA GLU A 543 -27.95 7.27 27.04
C GLU A 543 -26.49 7.67 27.32
N ASP A 544 -25.64 6.68 27.60
CA ASP A 544 -24.20 6.93 27.86
C ASP A 544 -23.50 7.38 26.59
N VAL A 545 -23.77 6.67 25.49
CA VAL A 545 -23.26 7.09 24.17
C VAL A 545 -23.64 8.56 23.93
N ALA A 546 -24.92 8.90 24.12
CA ALA A 546 -25.41 10.28 23.95
C ALA A 546 -24.60 11.30 24.76
N GLN A 547 -24.36 10.97 26.02
CA GLN A 547 -23.60 11.83 26.92
C GLN A 547 -22.12 11.97 26.52
N MET A 548 -21.50 10.90 26.01
CA MET A 548 -20.10 10.95 25.57
C MET A 548 -19.94 11.80 24.30
N LEU A 549 -20.86 11.64 23.36
CA LEU A 549 -20.87 12.41 22.12
C LEU A 549 -21.17 13.89 22.36
N TYR A 550 -21.99 14.20 23.38
CA TYR A 550 -22.24 15.59 23.78
C TYR A 550 -20.93 16.27 24.14
N LEU A 551 -20.19 15.65 25.06
CA LEU A 551 -18.86 16.11 25.47
C LEU A 551 -17.91 16.19 24.29
N LEU A 552 -17.89 15.12 23.50
CA LEU A 552 -17.01 15.03 22.31
C LEU A 552 -17.11 16.23 21.34
N CYS A 553 -18.35 16.71 21.13
CA CYS A 553 -18.61 17.77 20.15
C CYS A 553 -18.12 19.16 20.58
N SER A 554 -18.03 19.39 21.89
CA SER A 554 -17.40 20.60 22.44
C SER A 554 -15.98 20.33 23.02
N TRP A 555 -15.37 19.20 22.65
CA TRP A 555 -14.05 18.81 23.18
C TRP A 555 -12.98 19.64 22.52
N PRO A 556 -11.99 20.15 23.29
CA PRO A 556 -10.97 20.99 22.65
C PRO A 556 -10.07 20.23 21.68
N GLU A 557 -9.52 20.95 20.71
CA GLU A 557 -8.65 20.34 19.70
C GLU A 557 -7.37 19.77 20.36
N LEU A 558 -7.04 18.52 20.02
CA LEU A 558 -5.88 17.82 20.58
C LEU A 558 -4.73 17.83 19.58
N PRO A 559 -3.46 17.71 20.07
CA PRO A 559 -2.33 17.75 19.12
C PRO A 559 -2.27 16.51 18.23
N VAL A 560 -1.49 16.61 17.17
CA VAL A 560 -1.33 15.54 16.16
C VAL A 560 -1.12 14.17 16.79
N LEU A 561 -0.18 14.11 17.73
CA LEU A 561 0.17 12.89 18.46
C LEU A 561 -1.06 12.19 19.06
N SER A 562 -1.93 12.96 19.70
CA SER A 562 -3.16 12.41 20.30
C SER A 562 -4.15 11.95 19.22
N ALA A 563 -4.30 12.79 18.20
CA ALA A 563 -5.13 12.46 17.05
C ALA A 563 -4.74 11.09 16.49
N LEU A 564 -3.43 10.85 16.32
CA LEU A 564 -2.95 9.58 15.74
C LEU A 564 -3.43 8.36 16.52
N GLU A 565 -3.50 8.47 17.85
CA GLU A 565 -4.01 7.37 18.68
C GLU A 565 -5.49 7.09 18.38
N LEU A 566 -6.23 8.15 18.10
CA LEU A 566 -7.67 8.07 17.94
C LEU A 566 -8.08 7.44 16.62
N LEU A 567 -7.13 7.25 15.71
CA LEU A 567 -7.37 6.58 14.43
C LEU A 567 -7.35 5.06 14.51
N ASP A 568 -7.18 4.48 15.69
CA ASP A 568 -6.99 3.04 15.84
C ASP A 568 -8.34 2.32 15.90
N PHE A 569 -8.34 0.99 15.68
CA PHE A 569 -9.59 0.18 15.69
C PHE A 569 -10.43 0.27 16.97
N SER A 570 -9.82 0.62 18.10
CA SER A 570 -10.56 0.84 19.36
C SER A 570 -11.61 1.97 19.33
N PHE A 571 -11.46 2.92 18.40
CA PHE A 571 -12.32 4.10 18.32
C PHE A 571 -13.08 4.13 16.99
N PRO A 572 -14.08 3.23 16.81
CA PRO A 572 -14.80 3.13 15.53
C PRO A 572 -15.80 4.26 15.27
N ASP A 573 -16.40 4.82 16.32
CA ASP A 573 -17.44 5.84 16.16
C ASP A 573 -17.01 6.94 15.18
N CYS A 574 -17.93 7.29 14.30
CA CYS A 574 -17.70 8.24 13.20
C CYS A 574 -17.42 9.67 13.68
N HIS A 575 -17.92 10.01 14.87
CA HIS A 575 -17.66 11.34 15.46
C HIS A 575 -16.23 11.45 15.96
N VAL A 576 -15.69 10.35 16.48
CA VAL A 576 -14.31 10.29 16.95
C VAL A 576 -13.30 10.46 15.81
N GLY A 577 -13.39 9.60 14.80
CA GLY A 577 -12.57 9.73 13.58
C GLY A 577 -12.64 11.10 12.92
N SER A 578 -13.79 11.77 13.03
CA SER A 578 -13.95 13.12 12.52
C SER A 578 -13.23 14.14 13.38
N PHE A 579 -13.31 13.98 14.70
CA PHE A 579 -12.53 14.80 15.62
C PHE A 579 -11.01 14.61 15.40
N ALA A 580 -10.60 13.36 15.20
CA ALA A 580 -9.20 13.04 14.95
C ALA A 580 -8.64 13.72 13.70
N ILE A 581 -9.31 13.51 12.57
CA ILE A 581 -8.96 14.17 11.28
C ILE A 581 -8.92 15.68 11.41
N LYS A 582 -9.92 16.25 12.07
CA LYS A 582 -9.99 17.68 12.37
C LYS A 582 -8.71 18.18 13.09
N SER A 583 -8.11 17.32 13.92
CA SER A 583 -6.82 17.61 14.58
C SER A 583 -5.61 17.33 13.69
N LEU A 584 -5.72 16.36 12.78
CA LEU A 584 -4.70 16.14 11.73
C LEU A 584 -4.62 17.19 10.60
N ARG A 585 -5.60 18.07 10.48
CA ARG A 585 -5.58 19.13 9.46
C ARG A 585 -4.51 20.22 9.74
N LYS A 586 -3.99 20.30 10.97
CA LYS A 586 -2.78 21.09 11.30
C LYS A 586 -1.53 20.62 10.53
N LEU A 587 -1.50 19.38 10.08
CA LEU A 587 -0.33 18.83 9.44
C LEU A 587 0.16 19.61 8.25
N THR A 588 1.45 19.95 8.27
CA THR A 588 2.20 20.35 7.08
C THR A 588 2.34 19.11 6.19
N ASP A 589 2.60 19.34 4.91
CA ASP A 589 2.80 18.26 3.95
C ASP A 589 4.02 17.40 4.29
N ASP A 590 5.10 18.02 4.77
CA ASP A 590 6.31 17.27 5.15
C ASP A 590 6.07 16.32 6.31
N GLU A 591 5.33 16.76 7.33
CA GLU A 591 4.99 15.90 8.45
C GLU A 591 3.99 14.83 8.05
N LEU A 592 2.94 15.21 7.32
CA LEU A 592 1.95 14.25 6.83
C LEU A 592 2.63 13.15 6.05
N PHE A 593 3.56 13.52 5.20
CA PHE A 593 4.34 12.54 4.40
C PHE A 593 5.00 11.47 5.29
N GLN A 594 5.47 11.90 6.46
CA GLN A 594 6.04 10.97 7.43
C GLN A 594 5.07 9.90 7.89
N TYR A 595 3.77 10.24 7.97
CA TYR A 595 2.73 9.31 8.47
C TYR A 595 1.86 8.69 7.41
N LEU A 596 2.12 9.01 6.13
CA LEU A 596 1.24 8.63 5.02
C LEU A 596 0.93 7.14 5.01
N LEU A 597 2.00 6.34 5.06
CA LEU A 597 1.88 4.87 5.11
C LEU A 597 0.94 4.38 6.21
N GLN A 598 0.97 5.02 7.37
CA GLN A 598 0.11 4.59 8.49
C GLN A 598 -1.36 4.98 8.29
N LEU A 599 -1.57 6.19 7.78
CA LEU A 599 -2.91 6.71 7.48
C LEU A 599 -3.61 5.84 6.44
N VAL A 600 -2.86 5.33 5.49
CA VAL A 600 -3.35 4.39 4.48
C VAL A 600 -3.75 3.06 5.06
N GLN A 601 -3.00 2.52 6.00
CA GLN A 601 -3.33 1.20 6.57
C GLN A 601 -4.60 1.23 7.42
N VAL A 602 -4.82 2.39 8.03
CA VAL A 602 -6.00 2.66 8.87
C VAL A 602 -7.33 2.63 8.07
N LEU A 603 -7.25 2.82 6.76
CA LEU A 603 -8.41 2.66 5.87
C LEU A 603 -9.02 1.25 5.93
N LYS A 604 -8.22 0.26 6.33
CA LYS A 604 -8.70 -1.12 6.48
C LYS A 604 -9.56 -1.35 7.72
N TYR A 605 -9.66 -0.34 8.58
CA TYR A 605 -10.53 -0.40 9.77
C TYR A 605 -11.87 0.33 9.56
N GLU A 606 -11.94 1.11 8.50
CA GLU A 606 -13.15 1.85 8.16
C GLU A 606 -14.32 0.90 7.85
N SER A 607 -15.51 1.31 8.24
CA SER A 607 -16.72 0.54 8.01
C SER A 607 -17.36 0.86 6.63
N TYR A 608 -17.34 2.14 6.26
CA TYR A 608 -17.96 2.66 5.05
C TYR A 608 -16.91 3.19 4.10
N LEU A 609 -17.30 3.32 2.83
CA LEU A 609 -16.40 3.79 1.77
C LEU A 609 -16.24 5.30 1.88
N ASP A 610 -17.35 6.03 1.87
CA ASP A 610 -17.31 7.47 2.09
C ASP A 610 -17.03 7.69 3.57
N CYS A 611 -15.78 8.06 3.89
CA CYS A 611 -15.36 8.36 5.27
C CYS A 611 -14.51 9.62 5.30
N GLU A 612 -14.37 10.20 6.49
CA GLU A 612 -13.56 11.41 6.70
C GLU A 612 -12.07 11.23 6.36
N LEU A 613 -11.48 10.12 6.79
CA LEU A 613 -10.06 9.84 6.48
C LEU A 613 -9.78 9.77 4.97
N THR A 614 -10.73 9.23 4.20
CA THR A 614 -10.55 9.13 2.75
C THR A 614 -10.61 10.49 2.12
N LYS A 615 -11.61 11.27 2.51
CA LYS A 615 -11.72 12.66 2.04
C LYS A 615 -10.47 13.46 2.37
N PHE A 616 -9.92 13.25 3.56
CA PHE A 616 -8.73 13.97 4.02
C PHE A 616 -7.52 13.62 3.15
N LEU A 617 -7.28 12.33 2.94
CA LEU A 617 -6.19 11.87 2.08
C LEU A 617 -6.31 12.33 0.63
N LEU A 618 -7.53 12.37 0.08
CA LEU A 618 -7.73 12.87 -1.28
C LEU A 618 -7.48 14.38 -1.33
N ASP A 619 -8.07 15.12 -0.39
CA ASP A 619 -7.80 16.58 -0.29
C ASP A 619 -6.29 16.86 -0.37
N ARG A 620 -5.50 16.21 0.50
CA ARG A 620 -4.04 16.41 0.57
C ARG A 620 -3.30 15.90 -0.68
N ALA A 621 -3.75 14.77 -1.21
CA ALA A 621 -3.27 14.29 -2.53
C ALA A 621 -3.54 15.27 -3.68
N LEU A 622 -4.64 16.01 -3.60
CA LEU A 622 -5.05 16.95 -4.68
C LEU A 622 -4.30 18.28 -4.57
N ALA A 623 -3.82 18.58 -3.36
CA ALA A 623 -3.11 19.83 -3.12
C ALA A 623 -1.58 19.68 -3.24
N ASN A 624 -1.07 18.46 -3.07
CA ASN A 624 0.36 18.15 -3.17
C ASN A 624 0.61 16.92 -4.05
N ARG A 625 1.21 17.13 -5.21
CA ARG A 625 1.45 16.05 -6.19
C ARG A 625 2.37 14.92 -5.66
N LYS A 626 3.40 15.27 -4.87
CA LYS A 626 4.26 14.26 -4.21
C LYS A 626 3.48 13.36 -3.23
N ILE A 627 2.64 13.95 -2.39
CA ILE A 627 1.71 13.17 -1.55
C ILE A 627 0.77 12.26 -2.37
N GLY A 628 0.23 12.82 -3.45
CA GLY A 628 -0.61 12.03 -4.36
C GLY A 628 0.19 10.93 -5.04
N HIS A 629 1.41 11.23 -5.48
CA HIS A 629 2.29 10.17 -5.99
C HIS A 629 2.34 8.99 -5.06
N PHE A 630 2.65 9.22 -3.78
CA PHE A 630 2.91 8.10 -2.87
C PHE A 630 1.62 7.49 -2.36
N LEU A 631 0.61 8.32 -2.11
CA LEU A 631 -0.74 7.73 -1.90
C LEU A 631 -1.10 6.72 -3.01
N PHE A 632 -0.89 7.10 -4.27
CA PHE A 632 -1.22 6.19 -5.40
C PHE A 632 -0.54 4.84 -5.23
N TRP A 633 0.79 4.84 -5.01
CA TRP A 633 1.55 3.58 -4.89
C TRP A 633 1.28 2.78 -3.66
N HIS A 634 1.04 3.44 -2.52
CA HIS A 634 0.64 2.68 -1.33
C HIS A 634 -0.68 1.96 -1.61
N LEU A 635 -1.62 2.61 -2.30
CA LEU A 635 -2.91 1.95 -2.72
C LEU A 635 -2.75 0.94 -3.85
N ARG A 636 -2.07 1.32 -4.92
CA ARG A 636 -1.83 0.42 -6.07
C ARG A 636 -1.17 -0.90 -5.67
N SER A 637 -0.16 -0.82 -4.80
CA SER A 637 0.60 -2.02 -4.37
C SER A 637 -0.20 -3.01 -3.55
N GLU A 638 -1.40 -2.63 -3.07
CA GLU A 638 -2.32 -3.63 -2.44
C GLU A 638 -3.58 -3.98 -3.28
N MET A 639 -3.63 -3.63 -4.57
CA MET A 639 -4.84 -3.89 -5.40
C MET A 639 -5.11 -5.39 -5.66
N HIS A 640 -4.10 -6.23 -5.43
CA HIS A 640 -4.22 -7.69 -5.41
C HIS A 640 -4.80 -8.29 -4.14
N VAL A 641 -4.95 -7.47 -3.08
CA VAL A 641 -5.44 -7.99 -1.79
C VAL A 641 -6.96 -7.85 -1.78
N PRO A 642 -7.69 -8.98 -1.79
CA PRO A 642 -9.14 -8.88 -2.05
C PRO A 642 -9.97 -8.10 -1.01
N SER A 643 -9.50 -8.02 0.22
CA SER A 643 -10.23 -7.28 1.27
C SER A 643 -10.16 -5.76 1.07
N VAL A 644 -9.22 -5.29 0.24
CA VAL A 644 -9.09 -3.83 -0.02
C VAL A 644 -9.12 -3.41 -1.49
N ALA A 645 -9.10 -4.37 -2.43
CA ALA A 645 -9.30 -4.12 -3.90
C ALA A 645 -10.36 -3.09 -4.25
N LEU A 646 -11.54 -3.28 -3.66
CA LEU A 646 -12.69 -2.41 -3.91
C LEU A 646 -12.47 -1.02 -3.34
N ARG A 647 -12.19 -0.94 -2.03
CA ARG A 647 -11.95 0.36 -1.37
C ARG A 647 -10.81 1.15 -1.99
N PHE A 648 -9.72 0.48 -2.30
CA PHE A 648 -8.54 1.19 -2.84
C PHE A 648 -8.74 1.57 -4.29
N GLY A 649 -9.35 0.68 -5.07
CA GLY A 649 -9.76 0.99 -6.43
C GLY A 649 -10.59 2.26 -6.50
N LEU A 650 -11.60 2.37 -5.64
CA LEU A 650 -12.46 3.55 -5.66
C LEU A 650 -11.65 4.80 -5.33
N ILE A 651 -10.74 4.73 -4.35
CA ILE A 651 -9.94 5.92 -3.98
C ILE A 651 -9.02 6.28 -5.13
N LEU A 652 -8.38 5.26 -5.72
CA LEU A 652 -7.48 5.46 -6.86
C LEU A 652 -8.15 6.12 -8.07
N GLU A 653 -9.39 5.69 -8.39
CA GLU A 653 -10.15 6.28 -9.51
C GLU A 653 -10.35 7.74 -9.26
N ALA A 654 -10.90 8.05 -8.08
CA ALA A 654 -11.18 9.42 -7.70
C ALA A 654 -9.89 10.27 -7.68
N TYR A 655 -8.81 9.71 -7.16
CA TYR A 655 -7.49 10.36 -7.23
C TYR A 655 -7.09 10.71 -8.65
N CYS A 656 -7.19 9.73 -9.55
CA CYS A 656 -6.83 9.92 -10.97
C CYS A 656 -7.61 11.03 -11.67
N ARG A 657 -8.93 11.05 -11.48
CA ARG A 657 -9.77 12.13 -12.05
C ARG A 657 -9.35 13.55 -11.64
N GLY A 658 -8.78 13.69 -10.44
CA GLY A 658 -8.28 14.99 -9.96
C GLY A 658 -6.84 15.31 -10.34
N SER A 659 -6.18 14.39 -11.06
CA SER A 659 -4.75 14.57 -11.42
C SER A 659 -4.39 13.86 -12.73
N THR A 660 -4.94 14.37 -13.84
CA THR A 660 -4.69 13.85 -15.19
C THR A 660 -3.23 14.01 -15.67
N HIS A 661 -2.51 15.02 -15.18
CA HIS A 661 -1.06 15.19 -15.44
C HIS A 661 -0.24 14.08 -14.88
N HIS A 662 -0.38 13.84 -13.57
CA HIS A 662 0.42 12.81 -12.88
C HIS A 662 0.05 11.44 -13.35
N MET A 663 -1.23 11.25 -13.66
CA MET A 663 -1.72 10.06 -14.36
C MET A 663 -0.82 9.68 -15.53
N LYS A 664 -0.41 10.66 -16.33
CA LYS A 664 0.52 10.40 -17.44
C LYS A 664 1.89 9.93 -16.92
N VAL A 665 2.37 10.51 -15.83
CA VAL A 665 3.63 10.03 -15.19
C VAL A 665 3.47 8.60 -14.64
N LEU A 666 2.35 8.35 -13.95
CA LEU A 666 2.05 7.03 -13.40
C LEU A 666 1.90 5.93 -14.48
N MET A 667 1.34 6.29 -15.62
CA MET A 667 1.17 5.35 -16.74
C MET A 667 2.53 4.87 -17.24
N LYS A 668 3.43 5.81 -17.50
CA LYS A 668 4.80 5.52 -17.92
C LYS A 668 5.53 4.60 -16.90
N GLN A 669 5.28 4.81 -15.61
CA GLN A 669 5.90 4.02 -14.54
C GLN A 669 5.37 2.61 -14.48
N GLY A 670 4.04 2.47 -14.52
CA GLY A 670 3.39 1.15 -14.55
C GLY A 670 3.84 0.25 -15.69
N GLU A 671 4.17 0.86 -16.83
CA GLU A 671 4.67 0.13 -17.99
C GLU A 671 6.11 -0.32 -17.83
N ALA A 672 7.00 0.58 -17.37
CA ALA A 672 8.37 0.19 -16.98
C ALA A 672 8.34 -1.01 -16.03
N LEU A 673 7.48 -0.92 -15.02
CA LEU A 673 7.30 -1.97 -14.02
C LEU A 673 6.82 -3.29 -14.59
N SER A 674 6.01 -3.22 -15.64
CA SER A 674 5.49 -4.41 -16.31
C SER A 674 6.57 -5.07 -17.16
N LYS A 675 7.37 -4.26 -17.86
CA LYS A 675 8.52 -4.79 -18.60
C LYS A 675 9.51 -5.49 -17.64
N LEU A 676 9.83 -4.82 -16.53
CA LEU A 676 10.74 -5.37 -15.53
C LEU A 676 10.24 -6.71 -14.95
N LYS A 677 8.96 -6.80 -14.65
CA LYS A 677 8.37 -8.06 -14.21
C LYS A 677 8.66 -9.18 -15.21
N ALA A 678 8.33 -8.96 -16.48
CA ALA A 678 8.59 -9.93 -17.54
C ALA A 678 10.09 -10.20 -17.69
N LEU A 679 10.89 -9.13 -17.64
CA LEU A 679 12.34 -9.26 -17.74
C LEU A 679 12.90 -10.07 -16.57
N ASN A 680 12.38 -9.83 -15.37
CA ASN A 680 12.86 -10.56 -14.18
C ASN A 680 12.47 -12.05 -14.23
N ASP A 681 11.29 -12.36 -14.80
CA ASP A 681 10.83 -13.75 -14.90
C ASP A 681 11.67 -14.56 -15.89
N PHE A 682 12.06 -13.91 -16.99
CA PHE A 682 13.03 -14.49 -17.92
C PHE A 682 14.39 -14.79 -17.25
N VAL A 683 14.86 -13.87 -16.42
CA VAL A 683 16.17 -14.02 -15.75
C VAL A 683 16.14 -15.16 -14.72
N LYS A 684 15.09 -15.22 -13.91
CA LYS A 684 14.87 -16.36 -12.99
C LYS A 684 14.92 -17.69 -13.75
N LEU A 685 14.10 -17.76 -14.80
CA LEU A 685 13.99 -18.92 -15.68
C LEU A 685 15.28 -19.30 -16.42
N SER A 686 16.16 -18.33 -16.66
CA SER A 686 17.45 -18.57 -17.30
C SER A 686 18.51 -19.04 -16.28
N SER A 687 18.55 -18.39 -15.13
CA SER A 687 19.50 -18.70 -14.03
C SER A 687 19.55 -20.18 -13.65
N GLN A 688 18.38 -20.81 -13.61
CA GLN A 688 18.26 -22.25 -13.33
C GLN A 688 18.93 -23.14 -14.40
N LYS A 689 18.96 -22.67 -15.64
CA LYS A 689 19.49 -23.44 -16.78
C LYS A 689 20.96 -23.12 -17.11
N THR A 690 21.27 -21.82 -17.23
CA THR A 690 22.56 -21.35 -17.75
C THR A 690 23.38 -20.56 -16.72
N PRO A 691 24.71 -20.43 -16.93
CA PRO A 691 25.54 -19.61 -16.04
C PRO A 691 25.35 -18.10 -16.22
N LYS A 692 25.88 -17.32 -15.27
CA LYS A 692 25.52 -15.89 -15.14
C LYS A 692 25.92 -14.99 -16.33
N PRO A 693 27.20 -15.01 -16.77
CA PRO A 693 27.60 -14.23 -17.94
C PRO A 693 26.66 -14.30 -19.15
N GLN A 694 26.23 -15.52 -19.51
CA GLN A 694 25.30 -15.75 -20.63
C GLN A 694 23.93 -15.16 -20.35
N THR A 695 23.38 -15.48 -19.17
CA THR A 695 22.10 -14.92 -18.70
C THR A 695 22.10 -13.38 -18.72
N LYS A 696 23.22 -12.80 -18.29
CA LYS A 696 23.43 -11.36 -18.30
C LYS A 696 23.34 -10.78 -19.72
N GLU A 697 24.00 -11.43 -20.67
CA GLU A 697 23.95 -10.99 -22.08
C GLU A 697 22.53 -11.14 -22.68
N LEU A 698 21.87 -12.25 -22.37
CA LEU A 698 20.49 -12.50 -22.83
C LEU A 698 19.47 -11.53 -22.24
N MET A 699 19.73 -11.08 -21.01
CA MET A 699 18.95 -10.00 -20.39
C MET A 699 19.09 -8.73 -21.24
N HIS A 700 20.32 -8.42 -21.67
CA HIS A 700 20.58 -7.20 -22.43
C HIS A 700 19.93 -7.19 -23.80
N LEU A 701 19.93 -8.32 -24.49
CA LEU A 701 19.28 -8.45 -25.81
C LEU A 701 17.75 -8.27 -25.70
N CYS A 702 17.17 -8.85 -24.66
CA CYS A 702 15.74 -8.65 -24.35
C CYS A 702 15.43 -7.18 -24.05
N MET A 703 16.37 -6.49 -23.40
CA MET A 703 16.21 -5.07 -23.03
C MET A 703 16.27 -4.13 -24.23
N ARG A 704 17.06 -4.47 -25.23
CA ARG A 704 17.31 -3.59 -26.38
C ARG A 704 16.21 -3.68 -27.47
N GLN A 705 15.26 -4.60 -27.29
CA GLN A 705 14.03 -4.61 -28.09
C GLN A 705 13.29 -3.29 -27.91
N GLU A 706 12.85 -2.73 -29.04
CA GLU A 706 12.26 -1.37 -29.11
C GLU A 706 11.24 -1.11 -28.02
N ALA A 707 10.29 -2.04 -27.86
CA ALA A 707 9.20 -1.91 -26.89
C ALA A 707 9.65 -1.99 -25.43
N TYR A 708 10.68 -2.80 -25.16
CA TYR A 708 11.34 -2.84 -23.84
C TYR A 708 12.09 -1.53 -23.60
N LEU A 709 13.01 -1.22 -24.50
CA LEU A 709 13.89 -0.06 -24.35
C LEU A 709 13.12 1.25 -24.19
N GLU A 710 12.02 1.39 -24.93
CA GLU A 710 11.19 2.60 -24.84
C GLU A 710 10.44 2.69 -23.51
N ALA A 711 9.81 1.59 -23.10
CA ALA A 711 9.07 1.54 -21.82
C ALA A 711 9.98 1.64 -20.57
N LEU A 712 11.20 1.11 -20.66
CA LEU A 712 12.20 1.26 -19.58
C LEU A 712 12.89 2.63 -19.54
N SER A 713 12.72 3.46 -20.58
CA SER A 713 13.45 4.74 -20.71
C SER A 713 12.55 5.96 -20.53
N HIS A 714 13.16 7.07 -20.10
CA HIS A 714 12.50 8.37 -19.96
C HIS A 714 11.24 8.35 -19.14
N LEU A 715 11.39 8.00 -17.88
CA LEU A 715 10.31 8.04 -16.91
C LEU A 715 10.79 8.77 -15.65
N GLN A 716 9.84 9.31 -14.90
CA GLN A 716 10.06 9.80 -13.56
C GLN A 716 10.13 8.57 -12.69
N SER A 717 11.09 8.56 -11.75
CA SER A 717 11.27 7.41 -10.89
C SER A 717 10.10 7.29 -9.94
N PRO A 718 9.56 6.08 -9.75
CA PRO A 718 8.59 5.87 -8.68
C PRO A 718 9.12 6.14 -7.28
N LEU A 719 10.43 5.94 -7.06
CA LEU A 719 11.08 6.17 -5.75
C LEU A 719 11.07 7.63 -5.35
N ASP A 720 11.22 8.50 -6.33
CA ASP A 720 11.23 9.94 -6.12
C ASP A 720 10.87 10.57 -7.46
N PRO A 721 9.64 11.10 -7.59
CA PRO A 721 9.18 11.57 -8.90
C PRO A 721 9.93 12.80 -9.44
N SER A 722 10.59 13.56 -8.58
CA SER A 722 11.49 14.62 -9.05
C SER A 722 12.75 14.07 -9.78
N THR A 723 13.11 12.82 -9.53
CA THR A 723 14.23 12.19 -10.26
C THR A 723 13.80 11.60 -11.61
N LEU A 724 14.50 12.00 -12.66
CA LEU A 724 14.26 11.53 -14.02
C LEU A 724 15.22 10.40 -14.40
N LEU A 725 14.67 9.22 -14.66
CA LEU A 725 15.41 8.07 -15.16
C LEU A 725 15.42 8.17 -16.69
N ALA A 726 16.46 8.79 -17.24
CA ALA A 726 16.55 9.05 -18.68
C ALA A 726 16.95 7.80 -19.50
N GLU A 727 18.23 7.64 -19.84
CA GLU A 727 18.69 6.57 -20.75
C GLU A 727 19.10 5.35 -19.92
N VAL A 728 18.61 4.16 -20.30
CA VAL A 728 19.03 2.92 -19.66
C VAL A 728 20.45 2.57 -20.08
N CYS A 729 21.36 2.43 -19.12
CA CYS A 729 22.75 2.00 -19.40
C CYS A 729 22.78 0.48 -19.42
N VAL A 730 22.44 -0.09 -20.58
CA VAL A 730 22.17 -1.54 -20.70
C VAL A 730 23.35 -2.42 -20.28
N GLU A 731 24.56 -2.02 -20.65
CA GLU A 731 25.78 -2.78 -20.29
C GLU A 731 26.06 -2.82 -18.78
N GLN A 732 25.58 -1.81 -18.05
CA GLN A 732 25.69 -1.77 -16.58
C GLN A 732 24.55 -2.49 -15.84
N CYS A 733 23.46 -2.79 -16.54
CA CYS A 733 22.34 -3.52 -15.93
C CYS A 733 22.71 -4.99 -15.70
N THR A 734 22.27 -5.53 -14.57
CA THR A 734 22.51 -6.95 -14.24
C THR A 734 21.45 -7.46 -13.26
N PHE A 735 21.70 -8.62 -12.66
CA PHE A 735 20.87 -9.12 -11.55
C PHE A 735 21.73 -9.62 -10.38
N MET A 736 21.18 -9.51 -9.18
CA MET A 736 21.87 -9.89 -7.94
C MET A 736 21.65 -11.37 -7.65
N ASP A 737 22.63 -12.00 -6.98
CA ASP A 737 22.65 -13.45 -6.78
C ASP A 737 21.73 -13.99 -5.68
N SER A 738 21.01 -13.11 -4.99
CA SER A 738 19.90 -13.47 -4.06
C SER A 738 18.86 -14.42 -4.68
N LYS A 739 18.02 -15.01 -3.82
CA LYS A 739 17.05 -16.05 -4.24
C LYS A 739 16.00 -15.59 -5.26
N MET A 740 15.53 -14.34 -5.15
CA MET A 740 14.55 -13.75 -6.12
C MET A 740 15.17 -13.11 -7.36
N LYS A 741 16.50 -13.13 -7.48
CA LYS A 741 17.20 -12.63 -8.65
C LYS A 741 16.77 -11.20 -9.01
N PRO A 742 16.88 -10.27 -8.04
CA PRO A 742 16.42 -8.90 -8.32
C PRO A 742 17.33 -8.21 -9.32
N LEU A 743 16.72 -7.34 -10.12
CA LEU A 743 17.39 -6.68 -11.23
C LEU A 743 18.04 -5.41 -10.77
N TRP A 744 19.24 -5.16 -11.28
CA TRP A 744 20.03 -3.99 -11.00
C TRP A 744 19.98 -3.19 -12.27
N ILE A 745 19.24 -2.08 -12.26
CA ILE A 745 18.96 -1.31 -13.49
C ILE A 745 19.58 0.10 -13.36
N MET A 746 20.60 0.38 -14.17
CA MET A 746 21.31 1.66 -14.18
C MET A 746 20.83 2.64 -15.26
N TYR A 747 20.77 3.92 -14.90
CA TYR A 747 20.38 5.03 -15.77
C TYR A 747 21.45 6.13 -15.82
N SER A 748 21.40 6.93 -16.88
CA SER A 748 22.18 8.16 -16.99
C SER A 748 21.32 9.33 -17.50
N ASN A 749 21.43 10.49 -16.84
CA ASN A 749 20.69 11.71 -17.20
C ASN A 749 21.61 12.96 -17.30
N GLU A 750 21.63 13.82 -16.27
CA GLU A 750 22.31 15.12 -16.32
C GLU A 750 22.81 15.60 -14.94
N SER A 757 24.39 9.82 -12.87
CA SER A 757 24.09 8.39 -12.76
C SER A 757 23.13 8.08 -11.60
N VAL A 758 22.13 7.23 -11.84
CA VAL A 758 21.16 6.78 -10.82
C VAL A 758 20.82 5.31 -11.10
N GLY A 759 20.41 4.58 -10.08
CA GLY A 759 20.16 3.15 -10.19
C GLY A 759 18.95 2.74 -9.41
N ILE A 760 18.29 1.66 -9.83
CA ILE A 760 17.16 1.09 -9.09
C ILE A 760 17.30 -0.42 -9.06
N ILE A 761 16.71 -1.04 -8.05
CA ILE A 761 16.66 -2.48 -7.92
C ILE A 761 15.20 -2.89 -8.00
N PHE A 762 14.87 -3.78 -8.94
CA PHE A 762 13.49 -4.30 -9.10
C PHE A 762 13.45 -5.68 -8.48
N LYS A 763 12.66 -5.83 -7.42
CA LYS A 763 12.56 -7.10 -6.72
C LYS A 763 11.15 -7.65 -6.92
N ASN A 764 11.05 -8.92 -7.28
CA ASN A 764 9.78 -9.62 -7.35
C ASN A 764 9.84 -11.00 -6.71
N GLY A 765 9.00 -11.24 -5.72
CA GLY A 765 8.94 -12.52 -5.02
C GLY A 765 8.91 -12.33 -3.51
N ASP A 766 9.52 -11.23 -3.05
CA ASP A 766 9.50 -10.83 -1.65
C ASP A 766 8.56 -9.66 -1.43
N ASP A 767 8.00 -9.65 -0.22
CA ASP A 767 7.22 -8.54 0.28
C ASP A 767 8.23 -7.56 0.85
N LEU A 768 8.21 -6.31 0.34
CA LEU A 768 9.18 -5.27 0.69
C LEU A 768 8.65 -4.30 1.74
N ARG A 769 7.47 -4.59 2.30
CA ARG A 769 6.76 -3.67 3.20
C ARG A 769 7.47 -3.49 4.57
N GLN A 770 8.02 -4.56 5.11
CA GLN A 770 8.89 -4.56 6.31
C GLN A 770 10.05 -3.56 6.15
N ASP A 771 10.81 -3.72 5.05
CA ASP A 771 11.93 -2.85 4.74
C ASP A 771 11.50 -1.41 4.58
N MET A 772 10.34 -1.19 3.97
CA MET A 772 9.84 0.17 3.75
C MET A 772 9.51 0.79 5.07
N LEU A 773 8.83 0.04 5.94
CA LEU A 773 8.46 0.53 7.26
C LEU A 773 9.72 0.85 8.06
N THR A 774 10.64 -0.10 8.07
CA THR A 774 11.93 0.07 8.73
C THR A 774 12.63 1.32 8.23
N LEU A 775 12.70 1.48 6.92
CA LEU A 775 13.33 2.67 6.30
C LEU A 775 12.56 3.97 6.52
N GLN A 776 11.25 3.87 6.69
CA GLN A 776 10.40 5.03 6.97
C GLN A 776 10.75 5.50 8.39
N MET A 777 10.90 4.53 9.30
CA MET A 777 11.22 4.83 10.70
C MET A 777 12.64 5.36 10.94
N ILE A 778 13.61 4.87 10.17
CA ILE A 778 14.97 5.41 10.19
C ILE A 778 14.97 6.85 9.66
N GLN A 779 14.23 7.07 8.59
CA GLN A 779 14.00 8.42 8.03
C GLN A 779 13.43 9.35 9.10
N LEU A 780 12.41 8.88 9.81
CA LEU A 780 11.77 9.65 10.87
C LEU A 780 12.76 9.93 11.95
N MET A 781 13.57 8.93 12.32
CA MET A 781 14.63 9.10 13.34
C MET A 781 15.61 10.18 12.94
N ASP A 782 16.11 10.09 11.69
CA ASP A 782 17.00 11.12 11.11
C ASP A 782 16.40 12.53 11.23
N VAL A 783 15.14 12.67 10.82
CA VAL A 783 14.40 13.95 10.92
C VAL A 783 14.31 14.45 12.37
N LEU A 784 13.95 13.56 13.29
CA LEU A 784 13.86 13.93 14.72
C LEU A 784 15.23 14.38 15.26
N TRP A 785 16.28 13.65 14.91
CA TRP A 785 17.65 14.04 15.28
C TRP A 785 18.07 15.35 14.69
N LYS A 786 17.87 15.52 13.38
CA LYS A 786 18.18 16.78 12.69
C LYS A 786 17.42 17.99 13.24
N GLN A 787 16.17 17.78 13.68
CA GLN A 787 15.40 18.84 14.36
C GLN A 787 16.03 19.35 15.68
N GLU A 788 16.90 18.57 16.32
CA GLU A 788 17.69 19.02 17.47
C GLU A 788 19.13 19.39 17.09
N GLY A 789 19.43 19.57 15.81
CA GLY A 789 20.77 19.93 15.35
C GLY A 789 21.81 18.81 15.34
N LEU A 790 21.34 17.56 15.34
CA LEU A 790 22.21 16.39 15.26
C LEU A 790 22.00 15.69 13.90
N ASP A 791 22.91 15.95 12.97
CA ASP A 791 22.96 15.25 11.71
C ASP A 791 23.85 14.00 11.82
N LEU A 792 23.22 12.83 11.92
CA LEU A 792 23.96 11.60 12.10
C LEU A 792 24.35 10.94 10.77
N ARG A 793 24.25 11.70 9.67
CA ARG A 793 24.75 11.26 8.35
C ARG A 793 24.18 9.90 7.92
N MET A 794 22.88 9.73 8.11
CA MET A 794 22.16 8.50 7.76
C MET A 794 21.97 8.35 6.24
N THR A 795 21.54 7.16 5.81
CA THR A 795 21.26 6.90 4.37
C THR A 795 19.88 6.22 4.27
N PRO A 796 18.81 6.98 4.56
CA PRO A 796 17.48 6.42 4.53
C PRO A 796 16.99 6.43 3.06
N TYR A 797 17.47 5.45 2.31
CA TYR A 797 17.26 5.32 0.88
C TYR A 797 15.81 4.90 0.54
N GLY A 798 15.41 5.11 -0.71
CA GLY A 798 14.05 4.76 -1.17
C GLY A 798 13.75 3.28 -1.20
N CYS A 799 12.57 2.92 -0.71
CA CYS A 799 12.03 1.57 -0.88
C CYS A 799 10.50 1.67 -1.05
N LEU A 800 9.98 1.08 -2.12
CA LEU A 800 8.58 1.31 -2.52
C LEU A 800 7.93 0.06 -3.07
N PRO A 801 7.06 -0.59 -2.28
CA PRO A 801 6.19 -1.62 -2.85
C PRO A 801 5.34 -1.04 -3.98
N THR A 802 5.33 -1.70 -5.12
CA THR A 802 4.56 -1.28 -6.29
C THR A 802 3.40 -2.22 -6.65
N GLY A 803 3.53 -3.50 -6.31
CA GLY A 803 2.57 -4.52 -6.74
C GLY A 803 2.54 -5.72 -5.82
N ASP A 804 1.99 -6.83 -6.31
CA ASP A 804 2.03 -8.13 -5.63
C ASP A 804 3.49 -8.58 -5.50
N ARG A 805 3.98 -8.59 -4.25
CA ARG A 805 5.37 -8.94 -3.90
C ARG A 805 6.36 -8.36 -4.89
N THR A 806 6.17 -7.07 -5.17
CA THR A 806 7.00 -6.35 -6.13
C THR A 806 7.28 -4.97 -5.59
N GLY A 807 8.46 -4.44 -5.90
CA GLY A 807 8.79 -3.09 -5.54
C GLY A 807 10.15 -2.70 -6.07
N LEU A 808 10.47 -1.42 -5.85
CA LEU A 808 11.77 -0.86 -6.18
C LEU A 808 12.52 -0.41 -4.93
N ILE A 809 13.85 -0.46 -5.01
CA ILE A 809 14.78 -0.06 -3.95
C ILE A 809 15.80 0.86 -4.61
N GLU A 810 16.09 2.00 -3.98
CA GLU A 810 17.05 2.96 -4.51
C GLU A 810 18.43 2.35 -4.43
N VAL A 811 19.22 2.44 -5.50
CA VAL A 811 20.63 2.04 -5.44
C VAL A 811 21.42 3.19 -4.79
N VAL A 812 22.16 2.88 -3.73
CA VAL A 812 23.09 3.85 -3.10
C VAL A 812 24.43 3.75 -3.80
N LEU A 813 24.78 4.79 -4.56
CA LEU A 813 26.00 4.77 -5.39
C LEU A 813 27.25 4.82 -4.54
N ARG A 814 28.35 4.36 -5.14
CA ARG A 814 29.68 4.44 -4.56
C ARG A 814 29.68 3.84 -3.15
N SER A 815 29.14 2.62 -3.06
CA SER A 815 29.02 1.90 -1.82
C SER A 815 29.48 0.47 -2.04
N ASP A 816 29.84 -0.20 -0.95
CA ASP A 816 30.25 -1.62 -1.02
C ASP A 816 29.96 -2.28 0.33
N THR A 817 29.89 -3.61 0.32
CA THR A 817 29.54 -4.36 1.53
C THR A 817 30.79 -4.55 2.40
N ILE A 818 30.61 -4.55 3.72
CA ILE A 818 31.72 -4.76 4.67
C ILE A 818 32.48 -6.04 4.30
N ALA A 819 31.76 -7.11 3.97
CA ALA A 819 32.35 -8.38 3.53
C ALA A 819 33.34 -8.18 2.38
N ASN A 820 32.90 -7.50 1.32
CA ASN A 820 33.75 -7.22 0.16
C ASN A 820 35.02 -6.41 0.49
N ILE A 821 34.88 -5.42 1.37
CA ILE A 821 36.02 -4.57 1.78
C ILE A 821 37.05 -5.35 2.61
N GLN A 822 36.57 -6.25 3.47
CA GLN A 822 37.39 -7.14 4.29
C GLN A 822 37.93 -8.35 3.47
N LEU A 823 38.76 -8.07 2.46
CA LEU A 823 39.34 -9.10 1.57
C LEU A 823 40.71 -8.66 1.03
N ASP A 837 41.74 -1.85 9.99
CA ASP A 837 42.46 -2.83 9.17
C ASP A 837 42.18 -2.60 7.65
N ALA A 838 41.50 -3.53 6.96
CA ALA A 838 41.12 -3.36 5.56
C ALA A 838 40.07 -2.27 5.40
N LEU A 839 39.15 -2.20 6.36
CA LEU A 839 38.15 -1.13 6.46
C LEU A 839 38.80 0.27 6.50
N LEU A 840 39.85 0.41 7.31
CA LEU A 840 40.57 1.69 7.46
C LEU A 840 41.39 2.05 6.21
N ASN A 841 42.00 1.06 5.58
CA ASN A 841 42.75 1.26 4.34
C ASN A 841 41.83 1.68 3.20
N TRP A 842 40.73 0.95 3.06
CA TRP A 842 39.71 1.29 2.07
C TRP A 842 39.36 2.75 2.17
N LEU A 843 38.99 3.19 3.38
CA LEU A 843 38.66 4.60 3.62
C LEU A 843 39.78 5.54 3.23
N LYS A 844 41.03 5.16 3.53
CA LYS A 844 42.19 5.96 3.15
C LYS A 844 42.32 6.06 1.64
N SER A 845 42.15 4.93 0.94
CA SER A 845 42.21 4.91 -0.53
C SER A 845 41.05 5.66 -1.24
N LYS A 846 39.93 5.86 -0.55
CA LYS A 846 38.78 6.64 -1.07
C LYS A 846 38.75 8.10 -0.59
N ASN A 847 39.48 8.38 0.49
CA ASN A 847 39.67 9.74 1.02
C ASN A 847 41.15 10.00 1.32
N PRO A 848 41.97 10.16 0.26
CA PRO A 848 43.41 10.32 0.48
C PRO A 848 43.79 11.65 1.15
N GLY A 849 44.77 11.60 2.04
CA GLY A 849 45.32 12.80 2.68
C GLY A 849 44.36 13.47 3.66
N GLU A 850 44.00 14.72 3.37
CA GLU A 850 43.29 15.58 4.32
C GLU A 850 41.77 15.37 4.34
N ALA A 851 41.24 14.51 3.47
CA ALA A 851 39.82 14.13 3.46
C ALA A 851 39.48 12.97 4.40
N LEU A 852 40.48 12.37 5.04
CA LEU A 852 40.28 11.16 5.88
C LEU A 852 39.57 11.47 7.19
N ASP A 853 39.87 12.61 7.80
CA ASP A 853 39.20 13.04 9.04
C ASP A 853 37.70 13.25 8.84
N ARG A 854 37.31 13.77 7.67
CA ARG A 854 35.90 13.84 7.28
C ARG A 854 35.31 12.44 7.25
N ALA A 855 35.95 11.54 6.50
CA ALA A 855 35.46 10.18 6.29
C ALA A 855 35.27 9.39 7.58
N ILE A 856 36.27 9.45 8.48
CA ILE A 856 36.18 8.80 9.80
C ILE A 856 35.06 9.41 10.65
N GLU A 857 34.89 10.73 10.57
CA GLU A 857 33.83 11.41 11.32
C GLU A 857 32.42 11.08 10.73
N GLU A 858 32.32 10.95 9.40
CA GLU A 858 31.11 10.43 8.72
C GLU A 858 30.78 9.02 9.21
N PHE A 859 31.80 8.17 9.25
CA PHE A 859 31.69 6.80 9.79
C PHE A 859 31.18 6.78 11.23
N THR A 860 31.71 7.69 12.05
CA THR A 860 31.40 7.70 13.49
C THR A 860 29.97 8.10 13.73
N LEU A 861 29.58 9.23 13.12
CA LEU A 861 28.21 9.73 13.19
C LEU A 861 27.20 8.67 12.70
N SER A 862 27.48 8.03 11.57
CA SER A 862 26.54 7.03 11.01
C SER A 862 26.56 5.70 11.74
N CYS A 863 27.72 5.32 12.29
CA CYS A 863 27.79 4.12 13.14
C CYS A 863 26.90 4.32 14.37
N ALA A 864 26.96 5.51 14.98
CA ALA A 864 26.16 5.81 16.17
C ALA A 864 24.66 5.68 15.86
N GLY A 865 24.23 6.38 14.81
CA GLY A 865 22.83 6.41 14.38
C GLY A 865 22.25 5.05 14.08
N TYR A 866 22.99 4.23 13.32
CA TYR A 866 22.54 2.87 13.02
C TYR A 866 22.67 1.90 14.20
N CYS A 867 23.61 2.15 15.11
CA CYS A 867 23.68 1.34 16.33
C CYS A 867 22.41 1.56 17.15
N VAL A 868 22.02 2.82 17.31
CA VAL A 868 20.86 3.16 18.10
C VAL A 868 19.55 2.74 17.39
N ALA A 869 19.45 3.07 16.10
CA ALA A 869 18.28 2.72 15.28
C ALA A 869 17.97 1.23 15.31
N THR A 870 18.95 0.42 14.96
CA THR A 870 18.79 -1.04 14.93
C THR A 870 18.55 -1.68 16.31
N TYR A 871 19.08 -1.05 17.36
CA TYR A 871 18.79 -1.48 18.73
C TYR A 871 17.33 -1.19 19.12
N VAL A 872 16.90 0.05 18.84
CA VAL A 872 15.53 0.45 19.19
C VAL A 872 14.47 -0.36 18.43
N LEU A 873 14.67 -0.55 17.13
CA LEU A 873 13.72 -1.31 16.29
C LEU A 873 13.88 -2.82 16.41
N GLY A 874 14.90 -3.30 17.12
CA GLY A 874 15.06 -4.75 17.33
C GLY A 874 15.45 -5.52 16.06
N ILE A 875 16.29 -4.89 15.23
CA ILE A 875 16.76 -5.50 13.99
C ILE A 875 18.04 -6.29 14.28
N GLY A 876 17.91 -7.62 14.32
CA GLY A 876 19.07 -8.51 14.43
C GLY A 876 19.56 -8.99 13.08
N ASP A 877 20.38 -10.04 13.11
CA ASP A 877 21.05 -10.60 11.92
C ASP A 877 21.92 -9.57 11.18
N ARG A 878 22.56 -8.68 11.96
CA ARG A 878 23.40 -7.63 11.38
C ARG A 878 24.81 -8.17 11.15
N HIS A 879 25.12 -8.48 9.89
CA HIS A 879 26.40 -9.05 9.48
C HIS A 879 27.02 -8.30 8.33
N SER A 880 28.25 -8.68 7.98
CA SER A 880 29.07 -7.96 7.00
C SER A 880 28.52 -7.94 5.55
N ASP A 881 27.70 -8.94 5.20
CA ASP A 881 26.96 -8.94 3.92
C ASP A 881 25.80 -7.93 3.85
N ASN A 882 25.25 -7.52 5.00
CA ASN A 882 24.12 -6.56 5.04
C ASN A 882 24.40 -5.24 5.75
N ILE A 883 25.69 -4.93 5.95
CA ILE A 883 26.14 -3.60 6.36
C ILE A 883 27.02 -3.11 5.22
N MET A 884 26.87 -1.84 4.85
CA MET A 884 27.57 -1.26 3.69
C MET A 884 28.25 0.05 4.07
N ILE A 885 29.26 0.44 3.30
CA ILE A 885 29.97 1.70 3.49
C ILE A 885 29.96 2.52 2.20
N ARG A 886 29.63 3.79 2.32
CA ARG A 886 29.86 4.76 1.24
C ARG A 886 31.33 5.20 1.27
N GLU A 887 31.83 5.63 0.11
CA GLU A 887 33.17 6.20 -0.03
C GLU A 887 33.34 7.50 0.76
N SER A 888 32.23 8.18 1.04
CA SER A 888 32.24 9.30 1.99
C SER A 888 32.64 8.90 3.43
N GLY A 889 32.61 7.61 3.75
CA GLY A 889 32.76 7.11 5.12
C GLY A 889 31.46 6.67 5.78
N GLN A 890 30.31 7.18 5.29
CA GLN A 890 29.00 6.85 5.85
C GLN A 890 28.71 5.36 5.81
N LEU A 891 28.32 4.82 6.95
CA LEU A 891 27.99 3.41 7.09
C LEU A 891 26.48 3.28 7.09
N PHE A 892 25.94 2.24 6.48
CA PHE A 892 24.49 2.04 6.50
C PHE A 892 24.12 0.58 6.33
N HIS A 893 22.96 0.26 6.90
CA HIS A 893 22.42 -1.08 6.91
C HIS A 893 21.44 -1.26 5.79
N ILE A 894 21.30 -2.52 5.35
CA ILE A 894 20.37 -2.93 4.31
C ILE A 894 19.68 -4.25 4.68
N ASP A 895 18.61 -4.59 3.94
CA ASP A 895 17.90 -5.87 4.08
C ASP A 895 17.33 -6.07 5.49
N PHE A 896 16.32 -5.28 5.79
CA PHE A 896 15.62 -5.31 7.06
C PHE A 896 14.39 -6.25 7.04
N GLY A 897 14.61 -7.52 6.75
CA GLY A 897 13.54 -8.52 6.76
C GLY A 897 12.96 -8.83 8.14
N HIS A 898 13.73 -8.53 9.19
CA HIS A 898 13.41 -8.90 10.57
C HIS A 898 13.53 -7.72 11.48
N PHE A 899 12.56 -7.54 12.38
CA PHE A 899 12.62 -6.49 13.39
C PHE A 899 11.79 -6.81 14.62
N LEU A 900 11.86 -5.96 15.64
CA LEU A 900 11.24 -6.25 16.95
C LEU A 900 11.67 -7.63 17.54
N GLY A 901 12.93 -8.00 17.32
CA GLY A 901 13.48 -9.26 17.83
C GLY A 901 13.02 -10.53 17.12
N ASN A 902 12.44 -10.39 15.92
CA ASN A 902 11.88 -11.53 15.19
C ASN A 902 12.84 -11.96 14.07
N GLU A 912 13.35 -12.94 21.43
CA GLU A 912 14.32 -12.44 22.42
C GLU A 912 14.71 -10.98 22.15
N ARG A 913 15.22 -10.31 23.19
CA ARG A 913 15.72 -8.95 23.06
C ARG A 913 17.05 -8.93 22.31
N VAL A 914 17.12 -8.07 21.30
CA VAL A 914 18.35 -7.88 20.54
C VAL A 914 19.21 -6.92 21.35
N PRO A 915 20.41 -7.37 21.80
CA PRO A 915 21.21 -6.42 22.56
C PRO A 915 21.75 -5.29 21.70
N PHE A 916 21.98 -4.14 22.31
CA PHE A 916 22.85 -3.13 21.72
C PHE A 916 24.20 -3.77 21.40
N ILE A 917 24.70 -3.47 20.20
CA ILE A 917 25.81 -4.18 19.62
C ILE A 917 26.80 -3.14 19.10
N LEU A 918 28.05 -3.27 19.56
CA LEU A 918 29.18 -2.57 18.97
C LEU A 918 30.06 -3.60 18.31
N THR A 919 30.66 -3.22 17.19
CA THR A 919 31.57 -4.10 16.46
C THR A 919 32.99 -3.58 16.65
N TYR A 920 33.92 -4.48 16.95
CA TYR A 920 35.30 -4.10 17.27
C TYR A 920 35.94 -3.34 16.11
N ASP A 921 35.79 -3.90 14.91
CA ASP A 921 36.33 -3.29 13.69
C ASP A 921 35.77 -1.89 13.41
N PHE A 922 34.54 -1.60 13.85
CA PHE A 922 34.00 -0.24 13.75
C PHE A 922 34.60 0.68 14.81
N VAL A 923 34.83 0.15 16.01
CA VAL A 923 35.51 0.92 17.06
C VAL A 923 36.93 1.31 16.65
N HIS A 924 37.62 0.39 15.98
CA HIS A 924 38.98 0.60 15.46
C HIS A 924 39.09 1.75 14.49
N VAL A 925 38.08 1.89 13.62
CA VAL A 925 38.00 3.03 12.68
C VAL A 925 37.63 4.31 13.43
N ILE A 926 36.64 4.22 14.34
CA ILE A 926 36.22 5.36 15.19
C ILE A 926 37.43 5.91 16.00
N GLN A 927 38.27 5.02 16.52
CA GLN A 927 39.49 5.44 17.26
C GLN A 927 40.71 5.79 16.36
N GLN A 928 40.47 5.97 15.06
CA GLN A 928 41.50 6.39 14.07
C GLN A 928 42.66 5.40 13.95
N GLY A 929 42.33 4.12 14.04
CA GLY A 929 43.33 3.04 13.97
C GLY A 929 44.16 2.81 15.23
N LYS A 930 43.76 3.40 16.36
CA LYS A 930 44.50 3.32 17.64
C LYS A 930 43.86 2.32 18.63
N THR A 931 44.69 1.77 19.51
CA THR A 931 44.26 0.90 20.63
C THR A 931 43.31 1.62 21.57
N ASN A 932 43.65 2.88 21.90
CA ASN A 932 43.02 3.62 22.98
C ASN A 932 43.04 5.12 22.67
N ASN A 933 41.93 5.61 22.15
CA ASN A 933 41.71 7.00 21.80
C ASN A 933 40.42 7.41 22.49
N SER A 934 40.52 7.74 23.77
CA SER A 934 39.31 7.94 24.58
C SER A 934 38.49 9.17 24.12
N GLU A 935 39.18 10.21 23.64
CA GLU A 935 38.52 11.47 23.25
C GLU A 935 37.49 11.23 22.17
N LYS A 936 37.91 10.53 21.11
CA LYS A 936 37.07 10.18 19.99
C LYS A 936 35.96 9.19 20.40
N PHE A 937 36.32 8.17 21.16
CA PHE A 937 35.35 7.15 21.58
C PHE A 937 34.26 7.72 22.49
N GLU A 938 34.61 8.68 23.33
CA GLU A 938 33.65 9.36 24.23
C GLU A 938 32.67 10.23 23.44
N ARG A 939 33.17 10.87 22.38
CA ARG A 939 32.30 11.62 21.46
C ARG A 939 31.26 10.72 20.80
N PHE A 940 31.71 9.52 20.38
CA PHE A 940 30.84 8.50 19.78
C PHE A 940 29.79 7.99 20.76
N ARG A 941 30.19 7.80 22.01
CA ARG A 941 29.29 7.40 23.08
C ARG A 941 28.25 8.50 23.28
N GLY A 942 28.71 9.75 23.34
CA GLY A 942 27.82 10.92 23.38
C GLY A 942 26.79 10.91 22.24
N TYR A 943 27.26 10.73 21.01
CA TYR A 943 26.37 10.70 19.84
C TYR A 943 25.29 9.63 20.00
N CYS A 944 25.69 8.43 20.43
CA CYS A 944 24.74 7.36 20.72
C CYS A 944 23.72 7.73 21.78
N GLU A 945 24.17 8.42 22.82
CA GLU A 945 23.32 8.71 23.98
C GLU A 945 22.33 9.84 23.73
N ARG A 946 22.81 10.86 23.03
CA ARG A 946 21.95 11.96 22.58
C ARG A 946 20.90 11.46 21.55
N ALA A 947 21.32 10.58 20.65
CA ALA A 947 20.42 9.93 19.68
C ALA A 947 19.29 9.15 20.35
N TYR A 948 19.65 8.27 21.29
CA TYR A 948 18.68 7.49 22.07
C TYR A 948 17.73 8.38 22.85
N THR A 949 18.31 9.39 23.50
CA THR A 949 17.59 10.36 24.34
C THR A 949 16.54 11.10 23.56
N ILE A 950 16.83 11.43 22.31
CA ILE A 950 15.91 12.18 21.44
C ILE A 950 14.73 11.31 21.00
N LEU A 951 14.99 10.03 20.74
CA LEU A 951 13.94 9.10 20.36
C LEU A 951 12.98 8.87 21.52
N ARG A 952 13.53 8.73 22.73
CA ARG A 952 12.72 8.58 23.95
C ARG A 952 11.72 9.70 24.13
N ARG A 953 12.16 10.95 23.92
CA ARG A 953 11.26 12.11 23.96
C ARG A 953 10.05 11.98 23.03
N HIS A 954 10.21 11.29 21.89
CA HIS A 954 9.14 11.06 20.90
C HIS A 954 8.71 9.64 20.89
N GLY A 955 8.78 8.98 22.05
CA GLY A 955 8.50 7.55 22.13
C GLY A 955 7.05 7.22 21.84
N LEU A 956 6.14 8.07 22.32
CA LEU A 956 4.73 7.91 22.09
C LEU A 956 4.38 7.99 20.59
N LEU A 957 5.12 8.81 19.83
CA LEU A 957 4.96 8.92 18.39
C LEU A 957 5.22 7.59 17.70
N PHE A 958 6.32 6.95 18.07
CA PHE A 958 6.64 5.62 17.53
C PHE A 958 5.63 4.55 17.94
N LEU A 959 5.18 4.57 19.18
CA LEU A 959 4.18 3.60 19.63
C LEU A 959 2.87 3.73 18.84
N HIS A 960 2.37 4.95 18.70
CA HIS A 960 1.14 5.24 17.95
C HIS A 960 1.23 4.82 16.50
N LEU A 961 2.32 5.21 15.85
CA LEU A 961 2.58 4.83 14.46
C LEU A 961 2.65 3.34 14.23
N PHE A 962 3.31 2.64 15.15
CA PHE A 962 3.40 1.18 15.10
C PHE A 962 2.05 0.53 15.40
N ALA A 963 1.31 1.09 16.36
CA ALA A 963 -0.03 0.65 16.70
C ALA A 963 -0.96 0.65 15.46
N LEU A 964 -0.95 1.74 14.70
CA LEU A 964 -1.71 1.83 13.44
C LEU A 964 -1.18 0.86 12.36
N MET A 965 0.13 0.63 12.28
CA MET A 965 0.71 -0.36 11.36
C MET A 965 0.30 -1.81 11.61
N ARG A 966 -0.28 -2.12 12.76
CA ARG A 966 -0.85 -3.46 12.97
C ARG A 966 -1.94 -3.83 11.95
N ALA A 967 -2.61 -2.81 11.42
CA ALA A 967 -3.54 -2.93 10.30
C ALA A 967 -2.96 -3.62 9.06
N ALA A 968 -1.66 -3.44 8.83
CA ALA A 968 -0.99 -4.03 7.66
C ALA A 968 -0.82 -5.54 7.68
N GLY A 969 -0.98 -6.17 8.84
CA GLY A 969 -0.87 -7.63 8.91
C GLY A 969 0.53 -8.15 8.59
N LEU A 970 1.56 -7.34 8.85
CA LEU A 970 2.95 -7.85 8.82
C LEU A 970 3.07 -8.91 9.93
N PRO A 971 3.64 -10.09 9.61
CA PRO A 971 3.72 -11.13 10.64
C PRO A 971 4.52 -10.73 11.90
N GLU A 972 5.50 -9.82 11.75
CA GLU A 972 6.32 -9.33 12.88
C GLU A 972 5.73 -8.14 13.62
N LEU A 973 4.59 -7.65 13.15
CA LEU A 973 3.87 -6.58 13.82
C LEU A 973 2.37 -6.93 13.82
N SER A 974 2.02 -7.90 14.65
CA SER A 974 0.67 -8.45 14.75
C SER A 974 -0.03 -8.21 16.09
N CYS A 975 0.71 -8.03 17.18
CA CYS A 975 0.12 -7.99 18.53
C CYS A 975 0.73 -6.90 19.41
N SER A 976 0.13 -6.70 20.58
CA SER A 976 0.59 -5.67 21.54
C SER A 976 1.93 -6.00 22.21
N LYS A 977 2.34 -7.28 22.16
CA LYS A 977 3.69 -7.71 22.58
C LYS A 977 4.77 -7.15 21.66
N ASP A 978 4.48 -7.11 20.36
CA ASP A 978 5.37 -6.47 19.37
C ASP A 978 5.55 -4.99 19.71
N ILE A 979 4.45 -4.33 20.06
CA ILE A 979 4.47 -2.91 20.47
C ILE A 979 5.24 -2.76 21.79
N GLN A 980 5.06 -3.73 22.70
CA GLN A 980 5.79 -3.77 23.95
C GLN A 980 7.31 -3.73 23.74
N TYR A 981 7.78 -4.40 22.69
CA TYR A 981 9.23 -4.40 22.37
C TYR A 981 9.78 -2.98 22.27
N LEU A 982 9.03 -2.08 21.63
CA LEU A 982 9.40 -0.68 21.49
C LEU A 982 9.32 0.09 22.80
N LYS A 983 8.33 -0.22 23.63
CA LYS A 983 8.20 0.42 24.95
C LYS A 983 9.42 0.11 25.84
N ASP A 984 9.86 -1.14 25.78
CA ASP A 984 11.01 -1.62 26.55
C ASP A 984 12.33 -1.08 26.01
N SER A 985 12.50 -1.08 24.68
CA SER A 985 13.76 -0.66 24.06
C SER A 985 14.03 0.83 24.24
N LEU A 986 12.96 1.61 24.29
CA LEU A 986 13.01 3.04 24.55
C LEU A 986 12.80 3.29 26.02
N ALA A 987 12.45 2.25 26.77
CA ALA A 987 12.46 2.33 28.23
C ALA A 987 11.56 3.50 28.66
N LEU A 988 10.32 3.46 28.16
CA LEU A 988 9.34 4.51 28.42
C LEU A 988 8.74 4.46 29.83
N GLY A 989 8.74 3.28 30.44
CA GLY A 989 8.26 3.10 31.84
C GLY A 989 9.22 3.60 32.94
N LYS A 990 10.36 4.13 32.53
CA LYS A 990 11.39 4.63 33.40
C LYS A 990 11.58 6.13 33.13
N THR A 991 12.08 6.85 34.14
CA THR A 991 12.45 8.26 33.99
C THR A 991 13.59 8.39 32.98
N GLU A 992 13.89 9.62 32.59
CA GLU A 992 14.96 9.89 31.64
C GLU A 992 16.33 9.54 32.23
N GLU A 993 16.53 9.88 33.50
CA GLU A 993 17.77 9.57 34.21
C GLU A 993 17.99 8.05 34.33
N GLU A 994 16.93 7.34 34.72
CA GLU A 994 16.94 5.86 34.82
C GLU A 994 17.20 5.19 33.47
N ALA A 995 16.53 5.67 32.43
CA ALA A 995 16.67 5.11 31.08
C ALA A 995 18.09 5.24 30.57
N LEU A 996 18.68 6.41 30.79
CA LEU A 996 20.01 6.71 30.27
C LEU A 996 21.09 5.94 31.04
N LYS A 997 20.87 5.74 32.34
CA LYS A 997 21.72 4.85 33.14
C LYS A 997 21.70 3.40 32.65
N HIS A 998 20.53 2.94 32.20
CA HIS A 998 20.39 1.58 31.66
C HIS A 998 21.01 1.48 30.30
N PHE A 999 20.85 2.52 29.49
CA PHE A 999 21.47 2.57 28.17
C PHE A 999 23.01 2.50 28.26
N ARG A 1000 23.56 3.27 29.21
CA ARG A 1000 25.01 3.24 29.53
C ARG A 1000 25.51 1.85 29.88
N VAL A 1001 24.81 1.17 30.78
CA VAL A 1001 25.19 -0.19 31.19
C VAL A 1001 25.20 -1.15 30.01
N LYS A 1002 24.16 -1.06 29.19
CA LYS A 1002 24.04 -1.85 27.95
C LYS A 1002 25.12 -1.46 26.92
N PHE A 1003 25.41 -0.16 26.81
CA PHE A 1003 26.52 0.31 25.98
C PHE A 1003 27.83 -0.33 26.40
N ASN A 1004 28.14 -0.21 27.70
CA ASN A 1004 29.41 -0.68 28.23
C ASN A 1004 29.54 -2.17 28.00
N GLU A 1005 28.46 -2.90 28.31
CA GLU A 1005 28.44 -4.34 28.09
C GLU A 1005 28.68 -4.72 26.61
N ALA A 1006 28.14 -3.93 25.68
CA ALA A 1006 28.42 -4.13 24.25
C ALA A 1006 29.91 -3.90 23.87
N LEU A 1007 30.57 -2.95 24.52
CA LEU A 1007 32.03 -2.73 24.32
C LEU A 1007 32.85 -3.90 24.89
N ARG A 1008 32.45 -4.40 26.05
CA ARG A 1008 32.99 -5.64 26.60
C ARG A 1008 32.75 -6.83 25.66
N GLU A 1009 31.52 -6.96 25.18
CA GLU A 1009 31.15 -8.01 24.22
C GLU A 1009 31.90 -7.88 22.88
N SER A 1010 32.21 -6.65 22.49
CA SER A 1010 32.89 -6.38 21.21
C SER A 1010 34.21 -7.13 21.03
N TRP A 1011 35.09 -7.04 22.04
CA TRP A 1011 36.39 -7.73 22.03
C TRP A 1011 36.23 -9.23 21.98
N LYS A 1012 35.34 -9.75 22.83
CA LYS A 1012 35.14 -11.20 22.97
C LYS A 1012 34.77 -11.91 21.66
N THR A 1013 33.86 -11.30 20.88
CA THR A 1013 33.40 -11.86 19.60
C THR A 1013 34.51 -11.91 18.55
N TYR B 1 -7.28 -29.17 46.25
CA TYR B 1 -8.15 -29.04 45.03
C TYR B 1 -7.53 -28.15 43.94
N GLN B 2 -7.49 -28.67 42.71
CA GLN B 2 -7.06 -27.92 41.52
C GLN B 2 -7.79 -28.42 40.27
N GLU B 9 2.36 -35.17 34.44
CA GLU B 9 3.30 -35.29 35.55
C GLU B 9 4.35 -36.38 35.31
N ASP B 10 5.63 -35.99 35.32
CA ASP B 10 6.78 -36.90 35.32
C ASP B 10 8.07 -36.08 35.55
N ASN B 11 9.25 -36.65 35.34
CA ASN B 11 10.51 -35.90 35.44
C ASN B 11 10.65 -34.75 34.42
N ILE B 12 11.49 -33.78 34.74
CA ILE B 12 11.76 -32.59 33.91
C ILE B 12 12.33 -32.93 32.52
N GLU B 13 13.29 -33.86 32.50
CA GLU B 13 13.94 -34.24 31.24
C GLU B 13 12.98 -34.95 30.28
N ALA B 14 12.03 -35.70 30.83
CA ALA B 14 11.03 -36.43 30.05
C ALA B 14 9.97 -35.49 29.48
N VAL B 15 9.57 -34.50 30.27
CA VAL B 15 8.63 -33.47 29.79
C VAL B 15 9.29 -32.55 28.76
N GLY B 16 10.58 -32.25 28.97
CA GLY B 16 11.36 -31.42 28.07
C GLY B 16 11.64 -32.05 26.73
N LYS B 17 11.86 -33.36 26.72
CA LYS B 17 11.92 -34.14 25.47
C LYS B 17 10.59 -34.05 24.70
N LYS B 18 9.49 -34.16 25.44
CA LYS B 18 8.17 -34.08 24.85
C LYS B 18 7.84 -32.67 24.37
N LEU B 19 8.35 -31.65 25.07
CA LEU B 19 8.28 -30.27 24.59
C LEU B 19 8.98 -30.16 23.22
N HIS B 20 10.17 -30.75 23.09
CA HIS B 20 10.91 -30.72 21.81
C HIS B 20 10.18 -31.41 20.70
N GLU B 21 9.66 -32.61 20.97
CA GLU B 21 8.93 -33.39 19.99
C GLU B 21 7.66 -32.67 19.51
N TYR B 22 6.84 -32.19 20.45
CA TYR B 22 5.65 -31.44 20.10
C TYR B 22 5.94 -30.11 19.40
N ASN B 23 7.04 -29.44 19.74
CA ASN B 23 7.44 -28.21 19.02
C ASN B 23 7.84 -28.48 17.58
N THR B 24 8.59 -29.56 17.38
CA THR B 24 8.98 -30.03 16.04
C THR B 24 7.76 -30.39 15.19
N GLN B 25 6.77 -31.06 15.80
CA GLN B 25 5.51 -31.39 15.13
C GLN B 25 4.64 -30.15 14.83
N PHE B 26 4.64 -29.18 15.74
CA PHE B 26 3.91 -27.92 15.52
C PHE B 26 4.49 -27.13 14.36
N GLN B 27 5.82 -26.99 14.33
CA GLN B 27 6.51 -26.27 13.25
C GLN B 27 6.28 -26.92 11.87
N GLU B 28 6.25 -28.25 11.84
CA GLU B 28 6.04 -29.01 10.60
C GLU B 28 4.60 -28.89 10.08
N LYS B 29 3.63 -29.01 10.98
CA LYS B 29 2.21 -28.79 10.63
C LYS B 29 1.96 -27.34 10.24
N SER B 30 2.64 -26.41 10.90
CA SER B 30 2.62 -25.01 10.48
C SER B 30 3.07 -24.84 9.04
N ARG B 31 4.22 -25.42 8.70
CA ARG B 31 4.77 -25.36 7.33
C ARG B 31 3.77 -25.88 6.30
N GLU B 32 3.12 -27.00 6.61
CA GLU B 32 2.07 -27.56 5.77
C GLU B 32 0.94 -26.55 5.59
N TYR B 33 0.44 -26.01 6.69
CA TYR B 33 -0.62 -25.01 6.60
C TYR B 33 -0.19 -23.83 5.71
N ASP B 34 1.03 -23.33 5.89
CA ASP B 34 1.53 -22.20 5.08
C ASP B 34 1.67 -22.55 3.59
N ARG B 35 1.94 -23.81 3.28
CA ARG B 35 2.01 -24.29 1.89
C ARG B 35 0.60 -24.23 1.28
N LEU B 36 -0.36 -24.88 1.95
CA LEU B 36 -1.76 -24.85 1.52
C LEU B 36 -2.31 -23.44 1.41
N TYR B 37 -1.96 -22.57 2.35
CA TYR B 37 -2.43 -21.18 2.30
C TYR B 37 -1.84 -20.41 1.12
N GLU B 38 -0.62 -20.76 0.70
CA GLU B 38 -0.01 -20.15 -0.47
C GLU B 38 -0.73 -20.60 -1.74
N ASP B 39 -1.04 -21.90 -1.81
CA ASP B 39 -1.86 -22.45 -2.88
C ASP B 39 -3.27 -21.88 -2.89
N TYR B 40 -3.88 -21.76 -1.70
CA TYR B 40 -5.15 -21.06 -1.54
C TYR B 40 -5.15 -19.63 -2.13
N THR B 41 -4.09 -18.88 -1.83
CA THR B 41 -3.99 -17.49 -2.29
C THR B 41 -3.82 -17.45 -3.80
N ARG B 42 -2.94 -18.30 -4.31
CA ARG B 42 -2.58 -18.35 -5.71
C ARG B 42 -3.77 -18.79 -6.55
N THR B 43 -4.44 -19.85 -6.10
CA THR B 43 -5.65 -20.36 -6.72
C THR B 43 -6.76 -19.30 -6.70
N SER B 44 -6.89 -18.57 -5.58
CA SER B 44 -7.88 -17.48 -5.51
C SER B 44 -7.64 -16.41 -6.59
N GLN B 45 -6.38 -15.99 -6.74
CA GLN B 45 -5.99 -14.99 -7.74
C GLN B 45 -6.20 -15.50 -9.19
N GLU B 46 -5.86 -16.78 -9.41
CA GLU B 46 -5.95 -17.41 -10.71
C GLU B 46 -7.40 -17.50 -11.19
N ILE B 47 -8.28 -17.96 -10.30
CA ILE B 47 -9.72 -18.07 -10.56
C ILE B 47 -10.35 -16.73 -10.88
N GLN B 48 -9.95 -15.66 -10.18
CA GLN B 48 -10.48 -14.33 -10.51
C GLN B 48 -9.98 -13.80 -11.85
N MET B 49 -8.72 -14.11 -12.19
CA MET B 49 -8.18 -13.80 -13.52
C MET B 49 -8.94 -14.54 -14.63
N LYS B 50 -9.28 -15.81 -14.38
CA LYS B 50 -10.06 -16.61 -15.33
C LYS B 50 -11.49 -16.07 -15.49
N ARG B 51 -12.07 -15.63 -14.39
CA ARG B 51 -13.40 -15.00 -14.39
C ARG B 51 -13.42 -13.69 -15.18
N THR B 52 -12.41 -12.83 -15.03
CA THR B 52 -12.31 -11.60 -15.82
C THR B 52 -11.98 -11.87 -17.31
N ALA B 53 -11.17 -12.90 -17.58
CA ALA B 53 -10.91 -13.34 -18.95
C ALA B 53 -12.19 -13.88 -19.63
N ILE B 54 -13.10 -14.49 -18.86
CA ILE B 54 -14.40 -14.94 -19.38
C ILE B 54 -15.29 -13.76 -19.72
N GLU B 55 -15.35 -12.77 -18.83
CA GLU B 55 -15.97 -11.49 -19.16
C GLU B 55 -15.36 -10.85 -20.43
N ALA B 56 -14.06 -11.06 -20.65
CA ALA B 56 -13.35 -10.51 -21.82
C ALA B 56 -13.77 -11.22 -23.11
N PHE B 57 -13.92 -12.55 -23.04
CA PHE B 57 -14.52 -13.35 -24.11
C PHE B 57 -15.95 -12.91 -24.42
N ASN B 58 -16.76 -12.75 -23.37
CA ASN B 58 -18.16 -12.30 -23.50
C ASN B 58 -18.25 -10.96 -24.22
N GLU B 59 -17.36 -10.03 -23.84
CA GLU B 59 -17.32 -8.72 -24.47
C GLU B 59 -16.87 -8.79 -25.94
N THR B 60 -16.00 -9.74 -26.26
CA THR B 60 -15.47 -9.90 -27.62
C THR B 60 -16.56 -10.53 -28.49
N ILE B 61 -17.15 -11.61 -28.00
CA ILE B 61 -18.31 -12.22 -28.64
C ILE B 61 -19.43 -11.18 -28.85
N LYS B 62 -19.70 -10.35 -27.84
CA LYS B 62 -20.69 -9.29 -27.98
C LYS B 62 -20.38 -8.36 -29.15
N ILE B 63 -19.11 -7.93 -29.26
CA ILE B 63 -18.64 -7.11 -30.40
C ILE B 63 -18.91 -7.76 -31.78
N PHE B 64 -18.65 -9.07 -31.86
CA PHE B 64 -18.81 -9.82 -33.07
C PHE B 64 -20.30 -9.94 -33.49
N GLU B 65 -21.21 -10.03 -32.52
CA GLU B 65 -22.65 -10.08 -32.78
C GLU B 65 -23.23 -8.72 -33.19
N GLU B 66 -22.68 -7.62 -32.67
CA GLU B 66 -22.96 -6.30 -33.23
C GLU B 66 -22.55 -6.24 -34.69
N GLN B 67 -21.38 -6.78 -35.01
CA GLN B 67 -20.92 -6.83 -36.41
C GLN B 67 -21.90 -7.56 -37.33
N CYS B 68 -22.44 -8.67 -36.86
CA CYS B 68 -23.42 -9.46 -37.58
C CYS B 68 -24.71 -8.66 -37.84
N GLN B 69 -25.27 -8.11 -36.77
CA GLN B 69 -26.41 -7.19 -36.87
C GLN B 69 -26.11 -6.11 -37.89
N THR B 70 -24.96 -5.45 -37.75
CA THR B 70 -24.55 -4.40 -38.70
C THR B 70 -24.50 -4.91 -40.13
N GLN B 71 -23.87 -6.07 -40.32
CA GLN B 71 -23.72 -6.68 -41.64
C GLN B 71 -25.12 -6.88 -42.25
N GLU B 72 -26.01 -7.53 -41.50
CA GLU B 72 -27.38 -7.79 -41.95
C GLU B 72 -28.18 -6.52 -42.33
N ARG B 73 -28.27 -5.54 -41.41
CA ARG B 73 -28.95 -4.27 -41.74
C ARG B 73 -28.27 -3.59 -42.92
N TYR B 74 -26.97 -3.38 -42.81
CA TYR B 74 -26.22 -2.61 -43.81
C TYR B 74 -26.20 -3.26 -45.19
N SER B 75 -26.23 -4.59 -45.25
CA SER B 75 -26.10 -5.33 -46.51
C SER B 75 -27.27 -5.09 -47.45
N LYS B 76 -28.48 -5.30 -46.95
CA LYS B 76 -29.73 -5.30 -47.75
C LYS B 76 -29.71 -4.47 -49.04
N GLU B 77 -29.53 -3.16 -48.88
CA GLU B 77 -29.59 -2.19 -49.98
C GLU B 77 -28.62 -2.57 -51.10
N TYR B 78 -27.39 -2.89 -50.74
CA TYR B 78 -26.35 -3.27 -51.72
C TYR B 78 -26.50 -4.70 -52.27
N ILE B 79 -27.26 -5.55 -51.58
CA ILE B 79 -27.59 -6.88 -52.12
C ILE B 79 -28.66 -6.66 -53.19
N GLU B 80 -29.68 -5.87 -52.85
CA GLU B 80 -30.78 -5.52 -53.76
C GLU B 80 -30.35 -4.60 -54.92
N LYS B 81 -29.35 -3.74 -54.69
CA LYS B 81 -28.82 -2.86 -55.73
C LYS B 81 -28.08 -3.67 -56.80
N PHE B 82 -27.16 -4.53 -56.37
CA PHE B 82 -26.40 -5.39 -57.29
C PHE B 82 -27.23 -6.50 -57.97
N LYS B 83 -28.40 -6.83 -57.42
CA LYS B 83 -29.30 -7.82 -58.02
C LYS B 83 -29.97 -7.23 -59.27
N ARG B 84 -30.49 -6.01 -59.14
CA ARG B 84 -31.06 -5.25 -60.27
C ARG B 84 -29.98 -4.85 -61.29
N GLU B 85 -28.78 -4.54 -60.80
CA GLU B 85 -27.62 -4.20 -61.64
C GLU B 85 -26.75 -5.41 -62.06
N GLY B 86 -27.22 -6.64 -61.80
CA GLY B 86 -26.59 -7.85 -62.36
C GLY B 86 -25.29 -8.34 -61.72
N ASN B 87 -24.84 -7.69 -60.65
CA ASN B 87 -23.65 -8.10 -59.89
C ASN B 87 -24.01 -9.09 -58.79
N GLU B 88 -24.42 -10.28 -59.20
CA GLU B 88 -24.57 -11.40 -58.27
C GLU B 88 -23.20 -11.88 -57.78
N THR B 89 -22.14 -11.49 -58.50
CA THR B 89 -20.75 -11.70 -58.06
C THR B 89 -20.35 -10.86 -56.84
N GLU B 90 -20.79 -9.60 -56.79
CA GLU B 90 -20.54 -8.71 -55.66
C GLU B 90 -21.46 -9.03 -54.47
N ILE B 91 -22.65 -9.55 -54.75
CA ILE B 91 -23.52 -10.14 -53.71
C ILE B 91 -22.80 -11.32 -53.07
N GLN B 92 -22.19 -12.15 -53.93
CA GLN B 92 -21.49 -13.37 -53.49
C GLN B 92 -20.28 -13.12 -52.62
N ARG B 93 -19.54 -12.03 -52.87
CA ARG B 93 -18.37 -11.66 -52.03
C ARG B 93 -18.80 -11.21 -50.63
N ILE B 94 -19.77 -10.29 -50.59
CA ILE B 94 -20.39 -9.82 -49.35
C ILE B 94 -20.83 -10.98 -48.48
N MET B 95 -21.53 -11.94 -49.09
CA MET B 95 -22.08 -13.07 -48.34
C MET B 95 -21.03 -14.06 -47.90
N HIS B 96 -20.03 -14.33 -48.75
CA HIS B 96 -18.90 -15.18 -48.36
C HIS B 96 -18.07 -14.56 -47.24
N ASN B 97 -17.79 -13.26 -47.36
CA ASN B 97 -17.15 -12.49 -46.30
C ASN B 97 -17.87 -12.60 -44.95
N TYR B 98 -19.20 -12.58 -45.00
CA TYR B 98 -20.04 -12.74 -43.80
C TYR B 98 -19.95 -14.16 -43.24
N GLU B 99 -19.87 -15.17 -44.12
CA GLU B 99 -19.70 -16.55 -43.66
C GLU B 99 -18.38 -16.75 -42.90
N LYS B 100 -17.32 -16.08 -43.36
CA LYS B 100 -16.02 -16.10 -42.67
C LYS B 100 -16.11 -15.48 -41.28
N LEU B 101 -16.84 -14.36 -41.15
CA LEU B 101 -17.13 -13.74 -39.85
C LEU B 101 -17.78 -14.70 -38.88
N LYS B 102 -18.85 -15.37 -39.34
CA LYS B 102 -19.59 -16.33 -38.49
C LYS B 102 -18.75 -17.49 -37.98
N SER B 103 -17.90 -18.06 -38.82
CA SER B 103 -17.05 -19.19 -38.44
C SER B 103 -15.99 -18.79 -37.41
N ARG B 104 -15.46 -17.58 -37.55
CA ARG B 104 -14.55 -17.01 -36.57
C ARG B 104 -15.22 -16.82 -35.20
N ILE B 105 -16.52 -16.50 -35.18
CA ILE B 105 -17.28 -16.41 -33.93
C ILE B 105 -17.30 -17.77 -33.23
N SER B 106 -17.54 -18.83 -33.99
CA SER B 106 -17.55 -20.19 -33.43
C SER B 106 -16.21 -20.65 -32.82
N GLU B 107 -15.10 -20.12 -33.34
CA GLU B 107 -13.77 -20.37 -32.77
C GLU B 107 -13.64 -19.72 -31.40
N ILE B 108 -14.06 -18.47 -31.32
CA ILE B 108 -14.00 -17.69 -30.07
C ILE B 108 -14.93 -18.26 -28.99
N VAL B 109 -16.12 -18.72 -29.41
CA VAL B 109 -17.05 -19.40 -28.50
C VAL B 109 -16.46 -20.69 -27.97
N ASP B 110 -15.77 -21.43 -28.83
CA ASP B 110 -15.12 -22.67 -28.44
C ASP B 110 -14.00 -22.41 -27.42
N SER B 111 -13.20 -21.37 -27.65
CA SER B 111 -12.14 -20.95 -26.72
C SER B 111 -12.74 -20.45 -25.41
N ARG B 112 -13.87 -19.75 -25.45
CA ARG B 112 -14.57 -19.38 -24.22
C ARG B 112 -14.96 -20.60 -23.42
N ARG B 113 -15.50 -21.62 -24.10
CA ARG B 113 -15.93 -22.85 -23.46
C ARG B 113 -14.76 -23.60 -22.78
N ARG B 114 -13.60 -23.63 -23.42
CA ARG B 114 -12.42 -24.28 -22.81
C ARG B 114 -12.03 -23.62 -21.48
N LEU B 115 -12.10 -22.30 -21.43
CA LEU B 115 -11.81 -21.53 -20.22
C LEU B 115 -12.82 -21.78 -19.11
N GLU B 116 -14.11 -21.80 -19.43
CA GLU B 116 -15.18 -22.15 -18.47
C GLU B 116 -14.99 -23.54 -17.87
N GLU B 117 -14.56 -24.48 -18.70
CA GLU B 117 -14.25 -25.83 -18.27
C GLU B 117 -13.03 -25.87 -17.32
N ASP B 118 -12.01 -25.06 -17.63
CA ASP B 118 -10.82 -24.95 -16.76
C ASP B 118 -11.15 -24.27 -15.44
N LEU B 119 -11.95 -23.21 -15.48
CA LEU B 119 -12.46 -22.56 -14.25
C LEU B 119 -13.31 -23.50 -13.38
N LYS B 120 -13.98 -24.47 -14.01
CA LYS B 120 -14.77 -25.45 -13.27
C LYS B 120 -13.86 -26.40 -12.48
N LYS B 121 -12.79 -26.88 -13.12
CA LYS B 121 -11.78 -27.71 -12.44
C LYS B 121 -11.09 -26.93 -11.32
N GLN B 122 -10.59 -25.73 -11.64
CA GLN B 122 -9.90 -24.89 -10.65
C GLN B 122 -10.81 -24.43 -9.50
N ALA B 123 -12.12 -24.35 -9.73
CA ALA B 123 -13.08 -24.05 -8.66
C ALA B 123 -13.15 -25.22 -7.69
N ALA B 124 -13.12 -26.44 -8.23
CA ALA B 124 -13.10 -27.65 -7.43
C ALA B 124 -11.79 -27.75 -6.65
N GLU B 125 -10.67 -27.50 -7.32
CA GLU B 125 -9.34 -27.44 -6.68
C GLU B 125 -9.32 -26.52 -5.48
N TYR B 126 -9.87 -25.32 -5.67
CA TYR B 126 -10.02 -24.33 -4.58
C TYR B 126 -10.75 -24.93 -3.38
N ARG B 127 -11.86 -25.62 -3.65
CA ARG B 127 -12.68 -26.22 -2.59
C ARG B 127 -11.97 -27.33 -1.83
N GLU B 128 -11.16 -28.13 -2.53
CA GLU B 128 -10.40 -29.22 -1.92
C GLU B 128 -9.26 -28.67 -1.04
N ILE B 129 -8.61 -27.59 -1.50
CA ILE B 129 -7.59 -26.87 -0.72
C ILE B 129 -8.18 -26.33 0.59
N ASP B 130 -9.31 -25.64 0.48
CA ASP B 130 -10.08 -25.15 1.65
C ASP B 130 -10.41 -26.28 2.63
N LYS B 131 -10.69 -27.46 2.09
CA LYS B 131 -11.09 -28.61 2.91
C LYS B 131 -9.86 -29.19 3.63
N ARG B 132 -8.78 -29.44 2.88
CA ARG B 132 -7.50 -29.88 3.44
C ARG B 132 -7.02 -28.95 4.55
N MET B 133 -7.15 -27.65 4.31
CA MET B 133 -6.84 -26.62 5.29
C MET B 133 -7.67 -26.74 6.54
N ASN B 134 -8.97 -26.96 6.37
CA ASN B 134 -9.86 -27.08 7.52
C ASN B 134 -9.69 -28.37 8.31
N SER B 135 -9.11 -29.39 7.70
CA SER B 135 -8.81 -30.66 8.38
C SER B 135 -7.46 -30.61 9.11
N ILE B 136 -6.60 -29.67 8.75
CA ILE B 136 -5.31 -29.44 9.41
C ILE B 136 -5.46 -28.57 10.67
N LYS B 137 -6.31 -27.54 10.58
CA LYS B 137 -6.53 -26.57 11.67
C LYS B 137 -6.75 -27.15 13.08
N PRO B 138 -7.51 -28.25 13.21
CA PRO B 138 -7.63 -28.87 14.55
C PRO B 138 -6.30 -29.37 15.13
N ASP B 139 -5.50 -30.02 14.30
CA ASP B 139 -4.20 -30.58 14.69
C ASP B 139 -3.18 -29.49 14.98
N LEU B 140 -3.15 -28.51 14.08
CA LEU B 140 -2.29 -27.33 14.22
C LEU B 140 -2.58 -26.58 15.51
N ILE B 141 -3.85 -26.32 15.80
CA ILE B 141 -4.24 -25.62 17.01
C ILE B 141 -3.95 -26.47 18.26
N GLN B 142 -4.31 -27.76 18.20
CA GLN B 142 -4.10 -28.66 19.33
C GLN B 142 -2.61 -28.78 19.72
N LEU B 143 -1.73 -28.87 18.72
CA LEU B 143 -0.28 -28.90 18.92
C LEU B 143 0.30 -27.60 19.45
N ARG B 144 -0.27 -26.46 19.05
CA ARG B 144 0.13 -25.18 19.62
C ARG B 144 -0.19 -25.13 21.11
N LYS B 145 -1.34 -25.68 21.51
CA LYS B 145 -1.78 -25.60 22.91
C LYS B 145 -0.96 -26.52 23.81
N THR B 146 -0.70 -27.73 23.32
CA THR B 146 0.09 -28.71 24.02
C THR B 146 1.54 -28.22 24.21
N ARG B 147 2.11 -27.65 23.15
CA ARG B 147 3.42 -27.04 23.20
C ARG B 147 3.47 -25.99 24.31
N ASP B 148 2.46 -25.12 24.36
CA ASP B 148 2.41 -24.08 25.39
C ASP B 148 2.19 -24.61 26.82
N GLN B 149 1.36 -25.65 26.96
CA GLN B 149 1.10 -26.26 28.27
C GLN B 149 2.35 -26.92 28.87
N TYR B 150 3.15 -27.54 28.02
CA TYR B 150 4.42 -28.13 28.40
C TYR B 150 5.42 -27.04 28.80
N LEU B 151 5.47 -25.98 28.03
CA LEU B 151 6.34 -24.82 28.29
C LEU B 151 6.02 -24.14 29.62
N MET B 152 4.74 -24.00 29.92
CA MET B 152 4.27 -23.43 31.19
C MET B 152 4.53 -24.34 32.39
N TRP B 153 4.32 -25.64 32.23
CA TRP B 153 4.66 -26.60 33.25
C TRP B 153 6.14 -26.54 33.62
N LEU B 154 7.01 -26.42 32.62
CA LEU B 154 8.46 -26.34 32.86
C LEU B 154 8.87 -25.02 33.51
N THR B 155 8.29 -23.92 33.05
CA THR B 155 8.46 -22.59 33.69
C THR B 155 8.08 -22.56 35.17
N GLN B 156 6.97 -23.22 35.51
CA GLN B 156 6.52 -23.36 36.89
C GLN B 156 7.48 -24.15 37.73
N LYS B 157 7.98 -25.24 37.16
CA LYS B 157 8.98 -26.08 37.81
C LYS B 157 10.34 -25.40 37.95
N GLY B 158 10.51 -24.22 37.35
CA GLY B 158 11.68 -23.38 37.54
C GLY B 158 12.80 -23.70 36.57
N VAL B 159 12.46 -24.23 35.41
CA VAL B 159 13.45 -24.56 34.39
C VAL B 159 13.87 -23.27 33.70
N ARG B 160 15.19 -23.09 33.59
CA ARG B 160 15.81 -21.87 33.10
C ARG B 160 15.54 -21.71 31.62
N GLN B 161 15.60 -20.47 31.16
CA GLN B 161 15.34 -20.13 29.78
C GLN B 161 16.26 -20.82 28.77
N LYS B 162 17.50 -21.07 29.16
CA LYS B 162 18.50 -21.68 28.27
C LYS B 162 18.15 -23.12 27.89
N LYS B 163 17.69 -23.90 28.86
CA LYS B 163 17.26 -25.28 28.61
C LYS B 163 15.96 -25.31 27.77
N LEU B 164 15.08 -24.33 28.03
CA LEU B 164 13.84 -24.19 27.27
C LEU B 164 14.14 -23.90 25.79
N ASN B 165 15.13 -23.05 25.54
CA ASN B 165 15.57 -22.71 24.18
C ASN B 165 16.17 -23.89 23.40
N GLU B 166 16.94 -24.74 24.07
CA GLU B 166 17.47 -25.99 23.48
C GLU B 166 16.34 -26.91 22.98
N TRP B 167 15.27 -27.01 23.76
CA TRP B 167 14.16 -27.90 23.46
C TRP B 167 13.29 -27.35 22.37
N LEU B 168 13.07 -26.04 22.37
CA LEU B 168 12.35 -25.36 21.28
C LEU B 168 13.10 -25.29 19.93
N GLY B 169 14.39 -25.67 19.91
CA GLY B 169 15.16 -25.73 18.67
C GLY B 169 15.64 -24.36 18.23
#